data_3OSA
#
_entry.id   3OSA
#
_cell.length_a   53.559
_cell.length_b   58.478
_cell.length_c   93.319
_cell.angle_alpha   85.88
_cell.angle_beta   74.75
_cell.angle_gamma   62.76
#
_symmetry.space_group_name_H-M   'P 1'
#
loop_
_entity.id
_entity.type
_entity.pdbx_description
1 polymer 'Estrogen receptor'
2 non-polymer 4-[1-(3-methylbut-2-en-1-yl)-7-(trifluoromethyl)-1H-indazol-3-yl]benzene-1,3-diol
3 water water
#
_entity_poly.entity_id   1
_entity_poly.type   'polypeptide(L)'
_entity_poly.pdbx_seq_one_letter_code
;SNAKRSKKNSLALSLTADQMVSALLDAEPPILYSEYDPTRPFSEASMMGLLTNLADRELVHMINWAKRVPGFVDLTRHDQ
VHLLECAWLEILMIGLVWRSMEHPGKLLFAPNLLLDRNQGKCVEGMVEIFDMLLATSSRFRMMNLQGEEFVCLKSIILLN
SGVYTFLSSTLKSLEEKDHIHRVLDKITDTLIHLMAKAGLTLQQQHQRLAQLLLILSHIRHMSNKGMEHLYSMKCKNVVP
SYDLLLEMLDAHRLHAPT
;
_entity_poly.pdbx_strand_id   A,B,C,D
#
loop_
_chem_comp.id
_chem_comp.type
_chem_comp.name
_chem_comp.formula
KN3 non-polymer 4-[1-(3-methylbut-2-en-1-yl)-7-(trifluoromethyl)-1H-indazol-3-yl]benzene-1,3-diol 'C19 H17 F3 N2 O2'
#
# COMPACT_ATOMS: atom_id res chain seq x y z
N LEU A 11 -11.89 -19.94 24.44
CA LEU A 11 -11.17 -19.55 23.24
C LEU A 11 -11.40 -20.57 22.11
N ALA A 12 -10.88 -20.25 20.92
CA ALA A 12 -11.28 -20.97 19.71
C ALA A 12 -10.72 -22.40 19.62
N LEU A 13 -9.49 -22.60 20.10
CA LEU A 13 -8.82 -23.90 20.05
C LEU A 13 -9.48 -24.98 20.92
N SER A 14 -10.44 -24.57 21.74
CA SER A 14 -11.10 -25.46 22.67
C SER A 14 -12.38 -26.06 22.10
N LEU A 15 -12.90 -25.44 21.05
CA LEU A 15 -14.13 -25.91 20.43
C LEU A 15 -14.05 -27.37 19.97
N THR A 16 -15.10 -28.15 20.22
CA THR A 16 -15.22 -29.47 19.58
C THR A 16 -15.44 -29.25 18.10
N ALA A 17 -15.51 -30.33 17.33
CA ALA A 17 -15.88 -30.21 15.91
C ALA A 17 -17.35 -29.78 15.79
N ASP A 18 -18.22 -30.33 16.64
CA ASP A 18 -19.64 -29.98 16.60
C ASP A 18 -19.88 -28.51 16.95
N GLN A 19 -19.06 -27.99 17.86
CA GLN A 19 -19.19 -26.60 18.27
C GLN A 19 -18.59 -25.71 17.20
N MET A 20 -17.64 -26.22 16.44
CA MET A 20 -17.08 -25.42 15.36
C MET A 20 -18.07 -25.26 14.20
N VAL A 21 -18.74 -26.34 13.79
CA VAL A 21 -19.72 -26.27 12.69
C VAL A 21 -20.86 -25.31 13.02
N SER A 22 -21.35 -25.42 14.25
CA SER A 22 -22.41 -24.59 14.79
C SER A 22 -22.06 -23.11 14.79
N ALA A 23 -20.86 -22.82 15.26
CA ALA A 23 -20.42 -21.45 15.28
C ALA A 23 -20.37 -20.93 13.84
N LEU A 24 -19.87 -21.77 12.93
CA LEU A 24 -19.69 -21.33 11.55
C LEU A 24 -21.03 -21.13 10.85
N LEU A 25 -21.95 -22.07 11.06
CA LEU A 25 -23.29 -21.89 10.52
C LEU A 25 -23.96 -20.61 11.03
N ASP A 26 -24.00 -20.44 12.35
CA ASP A 26 -24.51 -19.18 12.94
C ASP A 26 -23.85 -17.91 12.37
N ALA A 27 -22.59 -17.98 11.97
CA ALA A 27 -21.89 -16.79 11.52
C ALA A 27 -22.27 -16.37 10.11
N GLU A 28 -22.81 -17.32 9.34
CA GLU A 28 -23.20 -17.09 7.93
C GLU A 28 -23.74 -15.69 7.62
N PRO A 29 -23.21 -15.04 6.59
CA PRO A 29 -23.72 -13.73 6.18
C PRO A 29 -25.04 -13.90 5.40
N PRO A 30 -25.80 -12.81 5.19
CA PRO A 30 -27.04 -12.95 4.43
C PRO A 30 -26.79 -12.89 2.93
N ILE A 31 -27.72 -13.43 2.15
CA ILE A 31 -27.72 -13.20 0.72
C ILE A 31 -28.32 -11.84 0.39
N LEU A 32 -27.57 -11.05 -0.40
CA LEU A 32 -28.06 -9.72 -0.81
C LEU A 32 -28.63 -9.70 -2.23
N TYR A 33 -29.46 -8.71 -2.50
CA TYR A 33 -29.99 -8.52 -3.83
C TYR A 33 -29.14 -7.51 -4.56
N SER A 34 -29.09 -7.66 -5.87
CA SER A 34 -28.43 -6.76 -6.76
C SER A 34 -29.29 -5.49 -6.87
N GLU A 35 -28.68 -4.35 -7.19
CA GLU A 35 -29.44 -3.12 -7.34
C GLU A 35 -30.64 -3.44 -8.20
N TYR A 36 -31.82 -3.15 -7.68
CA TYR A 36 -33.04 -3.64 -8.31
C TYR A 36 -33.31 -3.01 -9.69
N ASP A 37 -33.73 -3.83 -10.63
CA ASP A 37 -34.21 -3.35 -11.91
C ASP A 37 -33.22 -2.45 -12.65
N PRO A 38 -32.06 -2.99 -13.02
CA PRO A 38 -31.11 -2.18 -13.77
C PRO A 38 -31.56 -2.13 -15.22
N THR A 39 -31.01 -1.21 -16.03
CA THR A 39 -31.27 -1.27 -17.45
C THR A 39 -30.82 -2.64 -17.96
N ARG A 40 -31.72 -3.34 -18.63
CA ARG A 40 -31.35 -4.50 -19.43
C ARG A 40 -31.69 -4.16 -20.90
N PRO A 41 -30.91 -4.63 -21.88
CA PRO A 41 -29.68 -5.44 -21.75
C PRO A 41 -28.61 -4.66 -21.02
N PHE A 42 -27.55 -5.35 -20.63
CA PHE A 42 -26.43 -4.75 -19.93
C PHE A 42 -25.38 -4.29 -20.92
N SER A 43 -24.63 -3.26 -20.54
CA SER A 43 -23.34 -2.97 -21.18
C SER A 43 -22.23 -3.48 -20.26
N GLU A 44 -20.99 -3.33 -20.69
CA GLU A 44 -19.86 -3.96 -20.02
C GLU A 44 -19.65 -3.34 -18.67
N ALA A 45 -19.78 -2.02 -18.64
CA ALA A 45 -19.66 -1.23 -17.42
C ALA A 45 -20.89 -1.30 -16.53
N SER A 46 -22.08 -1.46 -17.13
CA SER A 46 -23.28 -1.50 -16.30
C SER A 46 -23.22 -2.76 -15.49
N MET A 47 -22.88 -3.87 -16.13
CA MET A 47 -22.73 -5.06 -15.35
C MET A 47 -21.71 -4.82 -14.25
N MET A 48 -20.54 -4.29 -14.60
CA MET A 48 -19.52 -4.10 -13.57
C MET A 48 -19.98 -3.17 -12.47
N GLY A 49 -20.82 -2.19 -12.79
CA GLY A 49 -21.34 -1.29 -11.79
C GLY A 49 -22.18 -2.09 -10.82
N LEU A 50 -22.87 -3.09 -11.34
CA LEU A 50 -23.77 -3.90 -10.52
C LEU A 50 -22.99 -4.89 -9.65
N LEU A 51 -21.95 -5.47 -10.20
CA LEU A 51 -21.19 -6.47 -9.46
C LEU A 51 -20.46 -5.77 -8.35
N THR A 52 -19.88 -4.64 -8.71
CA THR A 52 -19.12 -3.80 -7.81
C THR A 52 -19.99 -3.32 -6.65
N ASN A 53 -21.16 -2.81 -7.00
CA ASN A 53 -22.07 -2.32 -5.98
C ASN A 53 -22.39 -3.44 -5.03
N LEU A 54 -22.74 -4.58 -5.60
CA LEU A 54 -23.06 -5.73 -4.79
C LEU A 54 -21.91 -6.17 -3.90
N ALA A 55 -20.71 -6.23 -4.45
CA ALA A 55 -19.59 -6.70 -3.64
C ALA A 55 -19.35 -5.77 -2.44
N ASP A 56 -19.35 -4.48 -2.70
CA ASP A 56 -19.19 -3.47 -1.65
C ASP A 56 -20.16 -3.68 -0.51
N ARG A 57 -21.41 -3.98 -0.86
CA ARG A 57 -22.45 -4.19 0.15
C ARG A 57 -22.23 -5.49 0.89
N GLU A 58 -21.75 -6.50 0.18
CA GLU A 58 -21.38 -7.74 0.85
C GLU A 58 -20.19 -7.56 1.78
N LEU A 59 -19.26 -6.68 1.39
CA LEU A 59 -18.06 -6.44 2.18
C LEU A 59 -18.38 -6.26 3.67
N VAL A 60 -19.33 -5.36 3.94
CA VAL A 60 -19.70 -5.01 5.29
C VAL A 60 -20.05 -6.28 6.06
N HIS A 61 -20.88 -7.10 5.45
CA HIS A 61 -21.32 -8.34 6.07
C HIS A 61 -20.26 -9.43 6.24
N MET A 62 -19.21 -9.39 5.44
CA MET A 62 -18.16 -10.39 5.48
C MET A 62 -17.33 -10.10 6.69
N ILE A 63 -17.19 -8.82 7.03
CA ILE A 63 -16.49 -8.42 8.24
C ILE A 63 -17.21 -8.96 9.46
N ASN A 64 -18.54 -8.80 9.48
CA ASN A 64 -19.33 -9.29 10.60
C ASN A 64 -19.11 -10.80 10.69
N TRP A 65 -19.06 -11.45 9.53
CA TRP A 65 -18.87 -12.88 9.47
C TRP A 65 -17.47 -13.23 9.92
N ALA A 66 -16.47 -12.52 9.42
CA ALA A 66 -15.10 -12.85 9.74
C ALA A 66 -14.82 -12.78 11.26
N LYS A 67 -15.29 -11.73 11.90
CA LYS A 67 -15.17 -11.59 13.35
C LYS A 67 -15.82 -12.70 14.17
N ARG A 68 -16.71 -13.48 13.58
CA ARG A 68 -17.28 -14.64 14.27
C ARG A 68 -16.67 -15.96 13.83
N VAL A 69 -15.62 -15.91 13.02
CA VAL A 69 -14.92 -17.14 12.69
C VAL A 69 -14.05 -17.46 13.89
N PRO A 70 -14.29 -18.60 14.55
CA PRO A 70 -13.49 -18.91 15.74
C PRO A 70 -12.01 -18.66 15.50
N GLY A 71 -11.43 -17.78 16.29
CA GLY A 71 -10.02 -17.54 16.19
C GLY A 71 -9.67 -16.28 15.44
N PHE A 72 -10.56 -15.80 14.58
CA PHE A 72 -10.24 -14.56 13.86
C PHE A 72 -9.93 -13.41 14.82
N VAL A 73 -10.76 -13.23 15.83
CA VAL A 73 -10.60 -12.06 16.70
C VAL A 73 -9.32 -12.05 17.53
N ASP A 74 -8.76 -13.24 17.77
CA ASP A 74 -7.53 -13.34 18.56
C ASP A 74 -6.34 -12.71 17.85
N LEU A 75 -6.57 -12.32 16.60
CA LEU A 75 -5.49 -11.77 15.79
C LEU A 75 -5.38 -10.27 16.04
N THR A 76 -4.17 -9.72 15.92
CA THR A 76 -4.08 -8.28 15.93
C THR A 76 -4.90 -7.79 14.77
N ARG A 77 -5.30 -6.53 14.85
CA ARG A 77 -6.10 -5.90 13.82
C ARG A 77 -5.36 -5.92 12.50
N HIS A 78 -4.07 -5.60 12.58
CA HIS A 78 -3.29 -5.59 11.35
C HIS A 78 -3.39 -6.91 10.61
N ASP A 79 -3.32 -8.03 11.33
CA ASP A 79 -3.40 -9.31 10.64
C ASP A 79 -4.82 -9.59 10.20
N GLN A 80 -5.80 -9.11 10.94
CA GLN A 80 -7.15 -9.37 10.51
C GLN A 80 -7.40 -8.66 9.18
N VAL A 81 -6.80 -7.49 9.00
CA VAL A 81 -7.00 -6.74 7.77
C VAL A 81 -6.30 -7.38 6.61
N HIS A 82 -5.05 -7.71 6.84
CA HIS A 82 -4.21 -8.39 5.83
C HIS A 82 -4.86 -9.68 5.33
N LEU A 83 -5.49 -10.45 6.23
CA LEU A 83 -6.18 -11.69 5.84
C LEU A 83 -7.38 -11.39 4.95
N LEU A 84 -8.05 -10.28 5.23
CA LEU A 84 -9.28 -9.98 4.51
C LEU A 84 -8.94 -9.38 3.15
N GLU A 85 -7.94 -8.49 3.13
CA GLU A 85 -7.37 -7.91 1.93
C GLU A 85 -7.09 -8.98 0.89
N CYS A 86 -6.41 -10.03 1.33
CA CYS A 86 -5.96 -11.07 0.44
C CYS A 86 -7.10 -12.00 -0.01
N ALA A 87 -8.08 -12.21 0.88
CA ALA A 87 -9.10 -13.25 0.68
C ALA A 87 -10.48 -12.79 0.20
N TRP A 88 -10.75 -11.48 0.22
CA TRP A 88 -12.13 -11.06 0.06
C TRP A 88 -12.80 -11.55 -1.23
N LEU A 89 -12.10 -11.43 -2.35
CA LEU A 89 -12.70 -11.87 -3.61
C LEU A 89 -12.85 -13.39 -3.62
N GLU A 90 -11.84 -14.14 -3.17
CA GLU A 90 -12.01 -15.59 -3.05
C GLU A 90 -13.30 -15.90 -2.27
N ILE A 91 -13.53 -15.18 -1.18
CA ILE A 91 -14.65 -15.47 -0.30
C ILE A 91 -15.96 -15.19 -1.01
N LEU A 92 -16.05 -14.05 -1.68
CA LEU A 92 -17.24 -13.79 -2.48
C LEU A 92 -17.42 -14.91 -3.49
N MET A 93 -16.33 -15.27 -4.15
CA MET A 93 -16.42 -16.23 -5.23
C MET A 93 -16.88 -17.61 -4.76
N ILE A 94 -16.51 -18.01 -3.55
CA ILE A 94 -16.96 -19.31 -3.11
C ILE A 94 -18.45 -19.23 -2.72
N GLY A 95 -18.82 -18.06 -2.23
CA GLY A 95 -20.23 -17.76 -2.00
C GLY A 95 -21.03 -17.98 -3.26
N LEU A 96 -20.67 -17.23 -4.31
CA LEU A 96 -21.26 -17.40 -5.63
C LEU A 96 -21.41 -18.85 -6.08
N VAL A 97 -20.27 -19.54 -6.14
CA VAL A 97 -20.22 -20.91 -6.61
C VAL A 97 -21.16 -21.81 -5.79
N TRP A 98 -21.22 -21.57 -4.48
CA TRP A 98 -22.18 -22.28 -3.63
C TRP A 98 -23.61 -21.98 -4.04
N ARG A 99 -24.00 -20.71 -4.01
CA ARG A 99 -25.28 -20.27 -4.54
C ARG A 99 -25.65 -20.91 -5.87
N SER A 100 -24.68 -21.08 -6.76
CA SER A 100 -25.00 -21.40 -8.15
C SER A 100 -25.16 -22.90 -8.40
N MET A 101 -25.00 -23.71 -7.36
CA MET A 101 -24.85 -25.14 -7.56
C MET A 101 -26.03 -25.72 -8.29
N GLU A 102 -27.23 -25.35 -7.89
CA GLU A 102 -28.37 -26.01 -8.52
C GLU A 102 -28.93 -25.12 -9.63
N HIS A 103 -28.03 -24.45 -10.35
CA HIS A 103 -28.37 -23.67 -11.53
C HIS A 103 -27.34 -23.89 -12.59
N PRO A 104 -27.37 -25.07 -13.19
CA PRO A 104 -26.45 -25.44 -14.26
C PRO A 104 -26.41 -24.39 -15.35
N GLY A 105 -25.24 -23.91 -15.69
CA GLY A 105 -25.08 -22.96 -16.77
C GLY A 105 -25.15 -21.50 -16.31
N LYS A 106 -25.48 -21.28 -15.04
CA LYS A 106 -25.73 -19.92 -14.59
C LYS A 106 -25.03 -19.55 -13.29
N LEU A 107 -24.65 -18.28 -13.18
CA LEU A 107 -24.11 -17.77 -11.92
C LEU A 107 -25.13 -16.89 -11.20
N LEU A 108 -25.52 -17.34 -10.01
CA LEU A 108 -26.48 -16.63 -9.19
C LEU A 108 -25.76 -15.60 -8.35
N PHE A 109 -25.41 -14.47 -8.95
CA PHE A 109 -24.74 -13.42 -8.22
C PHE A 109 -25.67 -12.84 -7.14
N ALA A 110 -26.94 -12.66 -7.51
CA ALA A 110 -28.00 -12.34 -6.55
C ALA A 110 -29.27 -13.02 -7.05
N PRO A 111 -30.27 -13.13 -6.16
CA PRO A 111 -31.43 -13.93 -6.54
C PRO A 111 -32.21 -13.23 -7.65
N ASN A 112 -32.03 -11.91 -7.71
CA ASN A 112 -32.53 -11.10 -8.82
C ASN A 112 -31.45 -10.79 -9.86
N LEU A 113 -30.41 -11.62 -9.93
CA LEU A 113 -29.36 -11.40 -10.91
C LEU A 113 -28.72 -12.72 -11.30
N LEU A 114 -29.46 -13.55 -12.01
CA LEU A 114 -28.98 -14.85 -12.41
C LEU A 114 -28.57 -14.85 -13.88
N LEU A 115 -27.26 -14.92 -14.13
CA LEU A 115 -26.73 -14.74 -15.48
C LEU A 115 -26.19 -16.03 -16.10
N ASP A 116 -26.50 -16.25 -17.37
CA ASP A 116 -25.81 -17.26 -18.15
C ASP A 116 -24.60 -16.61 -18.80
N ARG A 117 -23.86 -17.43 -19.53
CA ARG A 117 -22.54 -17.09 -20.04
C ARG A 117 -22.64 -16.02 -21.14
N ASN A 118 -23.85 -15.84 -21.69
CA ASN A 118 -24.03 -14.87 -22.77
C ASN A 118 -24.66 -13.56 -22.31
N GLN A 119 -25.51 -13.64 -21.28
CA GLN A 119 -26.31 -12.50 -20.86
C GLN A 119 -25.50 -11.23 -20.59
N GLY A 120 -24.71 -11.26 -19.53
CA GLY A 120 -23.89 -10.11 -19.16
C GLY A 120 -22.95 -9.71 -20.28
N LYS A 121 -22.61 -8.43 -20.32
CA LYS A 121 -21.69 -7.92 -21.32
C LYS A 121 -20.27 -7.95 -20.75
N VAL A 123 -15.97 -8.76 -21.12
CA VAL A 123 -14.75 -8.94 -21.92
C VAL A 123 -14.39 -10.41 -22.08
N GLU A 124 -13.50 -10.72 -23.01
CA GLU A 124 -13.16 -12.11 -23.22
C GLU A 124 -12.31 -12.75 -22.12
N GLY A 125 -11.60 -11.94 -21.33
CA GLY A 125 -10.95 -12.43 -20.13
C GLY A 125 -11.97 -12.68 -19.04
N MET A 126 -13.08 -11.94 -19.12
CA MET A 126 -14.14 -12.08 -18.16
C MET A 126 -14.85 -13.39 -18.39
N VAL A 127 -15.11 -13.71 -19.65
CA VAL A 127 -15.85 -14.92 -19.94
C VAL A 127 -15.06 -16.18 -19.58
N GLU A 128 -13.73 -16.09 -19.54
CA GLU A 128 -12.93 -17.21 -19.07
C GLU A 128 -13.16 -17.38 -17.55
N ILE A 129 -13.18 -16.29 -16.79
CA ILE A 129 -13.44 -16.38 -15.36
C ILE A 129 -14.84 -16.95 -15.12
N PHE A 130 -15.82 -16.36 -15.78
CA PHE A 130 -17.18 -16.85 -15.71
C PHE A 130 -17.21 -18.36 -15.90
N ASP A 131 -16.68 -18.80 -17.05
CA ASP A 131 -16.45 -20.22 -17.34
C ASP A 131 -15.81 -20.97 -16.19
N MET A 132 -14.76 -20.38 -15.61
CA MET A 132 -14.12 -20.98 -14.46
C MET A 132 -15.09 -21.10 -13.27
N LEU A 133 -15.78 -20.03 -12.93
CA LEU A 133 -16.77 -20.10 -11.86
C LEU A 133 -17.81 -21.19 -12.11
N LEU A 134 -18.23 -21.33 -13.36
CA LEU A 134 -19.20 -22.36 -13.71
C LEU A 134 -18.66 -23.78 -13.50
N ALA A 135 -17.45 -24.02 -13.98
CA ALA A 135 -16.79 -25.31 -13.79
C ALA A 135 -16.77 -25.72 -12.33
N THR A 136 -16.20 -24.86 -11.50
CA THR A 136 -16.12 -25.04 -10.04
C THR A 136 -17.47 -25.42 -9.46
N SER A 137 -18.47 -24.62 -9.81
CA SER A 137 -19.82 -24.86 -9.35
C SER A 137 -20.32 -26.25 -9.73
N SER A 138 -20.08 -26.68 -10.96
CA SER A 138 -20.46 -28.04 -11.31
C SER A 138 -19.71 -28.99 -10.38
N ARG A 139 -18.42 -28.75 -10.22
CA ARG A 139 -17.62 -29.68 -9.43
C ARG A 139 -18.19 -29.86 -8.02
N PHE A 140 -18.49 -28.76 -7.33
CA PHE A 140 -19.17 -28.87 -6.04
C PHE A 140 -20.49 -29.63 -6.12
N ARG A 141 -21.24 -29.39 -7.19
CA ARG A 141 -22.49 -30.11 -7.43
C ARG A 141 -22.18 -31.59 -7.63
N MET A 142 -21.19 -31.89 -8.49
CA MET A 142 -20.77 -33.28 -8.69
C MET A 142 -20.45 -33.97 -7.36
N MET A 143 -19.68 -33.27 -6.51
CA MET A 143 -19.26 -33.83 -5.24
C MET A 143 -20.34 -33.75 -4.20
N ASN A 144 -21.51 -33.22 -4.56
CA ASN A 144 -22.59 -33.04 -3.62
C ASN A 144 -22.05 -32.35 -2.39
N LEU A 145 -21.40 -31.21 -2.55
CA LEU A 145 -20.83 -30.49 -1.41
C LEU A 145 -21.89 -30.23 -0.37
N GLN A 146 -21.55 -30.41 0.91
CA GLN A 146 -22.49 -30.10 2.00
C GLN A 146 -22.29 -28.72 2.63
N GLY A 147 -23.38 -28.11 3.05
CA GLY A 147 -23.36 -26.80 3.68
C GLY A 147 -22.33 -26.68 4.79
N GLU A 148 -22.28 -27.70 5.66
CA GLU A 148 -21.34 -27.72 6.77
C GLU A 148 -19.89 -27.81 6.29
N GLU A 149 -19.69 -28.35 5.09
CA GLU A 149 -18.38 -28.44 4.46
C GLU A 149 -18.03 -27.10 3.85
N PHE A 150 -19.00 -26.49 3.18
CA PHE A 150 -18.81 -25.16 2.59
C PHE A 150 -18.38 -24.11 3.62
N VAL A 151 -18.95 -24.12 4.82
CA VAL A 151 -18.59 -23.08 5.81
C VAL A 151 -17.17 -23.30 6.32
N CYS A 152 -16.78 -24.57 6.42
CA CYS A 152 -15.43 -24.94 6.76
C CYS A 152 -14.44 -24.46 5.69
N LEU A 153 -14.73 -24.78 4.43
CA LEU A 153 -13.91 -24.33 3.32
C LEU A 153 -13.77 -22.82 3.23
N LYS A 154 -14.89 -22.12 3.42
CA LYS A 154 -14.87 -20.66 3.33
C LYS A 154 -13.96 -20.09 4.43
N SER A 155 -14.12 -20.63 5.64
CA SER A 155 -13.27 -20.26 6.76
C SER A 155 -11.79 -20.51 6.52
N ILE A 156 -11.50 -21.69 5.98
CA ILE A 156 -10.14 -22.04 5.62
C ILE A 156 -9.56 -21.01 4.66
N ILE A 157 -10.33 -20.62 3.65
CA ILE A 157 -9.89 -19.60 2.70
C ILE A 157 -9.45 -18.31 3.40
N LEU A 158 -10.25 -17.90 4.37
CA LEU A 158 -10.00 -16.70 5.15
C LEU A 158 -8.68 -16.77 5.92
N LEU A 159 -8.41 -17.89 6.57
CA LEU A 159 -7.25 -17.97 7.43
C LEU A 159 -6.01 -18.37 6.64
N ASN A 160 -6.21 -19.00 5.48
CA ASN A 160 -5.07 -19.48 4.69
C ASN A 160 -4.50 -18.49 3.74
N SER A 161 -5.38 -17.75 3.09
CA SER A 161 -4.99 -17.07 1.88
C SER A 161 -3.84 -16.13 2.12
N GLY A 162 -3.86 -15.42 3.24
CA GLY A 162 -2.88 -14.39 3.48
C GLY A 162 -1.84 -14.75 4.53
N VAL A 163 -1.89 -15.96 5.06
CA VAL A 163 -1.00 -16.29 6.17
C VAL A 163 0.48 -16.44 5.83
N TYR A 164 0.78 -16.83 4.60
CA TYR A 164 2.17 -17.03 4.20
C TYR A 164 2.87 -15.69 4.00
N THR A 165 2.10 -14.64 3.84
CA THR A 165 2.69 -13.34 3.59
C THR A 165 2.52 -12.40 4.77
N PHE A 166 2.64 -12.94 5.98
CA PHE A 166 2.72 -12.10 7.16
C PHE A 166 4.11 -11.48 7.16
N LEU A 167 5.07 -12.27 6.69
CA LEU A 167 6.42 -11.79 6.40
C LEU A 167 7.46 -12.21 7.42
N SER A 168 7.14 -12.11 8.73
CA SER A 168 7.96 -12.78 9.75
C SER A 168 8.74 -11.88 10.65
N SER A 169 9.83 -12.49 11.09
CA SER A 169 10.61 -12.05 12.22
C SER A 169 9.82 -12.17 13.50
N THR A 170 9.72 -11.05 14.19
CA THR A 170 9.33 -11.00 15.58
C THR A 170 8.51 -12.17 16.14
N LEU A 171 8.75 -12.44 17.41
CA LEU A 171 8.11 -13.52 18.14
C LEU A 171 6.60 -13.49 18.02
N LYS A 172 6.03 -12.29 18.10
CA LYS A 172 4.59 -12.12 17.95
C LYS A 172 4.15 -12.47 16.53
N SER A 173 4.97 -12.11 15.55
CA SER A 173 4.65 -12.43 14.16
C SER A 173 4.64 -13.93 13.96
N LEU A 174 5.51 -14.63 14.69
CA LEU A 174 5.54 -16.08 14.64
C LEU A 174 4.34 -16.65 15.40
N GLU A 175 4.03 -16.08 16.56
CA GLU A 175 2.87 -16.54 17.33
C GLU A 175 1.61 -16.51 16.49
N GLU A 176 1.36 -15.36 15.85
CA GLU A 176 0.14 -15.21 15.05
C GLU A 176 0.08 -16.29 13.99
N LYS A 177 1.18 -16.51 13.29
CA LYS A 177 1.18 -17.54 12.26
C LYS A 177 0.92 -18.90 12.87
N ASP A 178 1.36 -19.10 14.11
CA ASP A 178 1.27 -20.41 14.71
C ASP A 178 -0.17 -20.65 15.16
N HIS A 179 -0.82 -19.56 15.56
CA HIS A 179 -2.21 -19.63 15.98
C HIS A 179 -3.16 -19.92 14.81
N ILE A 180 -3.00 -19.16 13.74
CA ILE A 180 -3.71 -19.42 12.49
C ILE A 180 -3.60 -20.87 12.08
N HIS A 181 -2.38 -21.35 12.03
CA HIS A 181 -2.13 -22.73 11.65
C HIS A 181 -2.85 -23.71 12.59
N ARG A 182 -2.93 -23.40 13.89
CA ARG A 182 -3.67 -24.26 14.82
C ARG A 182 -5.18 -24.23 14.59
N VAL A 183 -5.73 -23.06 14.36
CA VAL A 183 -7.14 -22.98 13.96
C VAL A 183 -7.41 -23.73 12.65
N LEU A 184 -6.53 -23.56 11.67
CA LEU A 184 -6.72 -24.30 10.43
C LEU A 184 -6.85 -25.81 10.73
N ASP A 185 -5.94 -26.32 11.55
CA ASP A 185 -5.97 -27.71 12.01
C ASP A 185 -7.30 -28.18 12.63
N LYS A 186 -7.94 -27.33 13.43
CA LYS A 186 -9.23 -27.68 14.03
C LYS A 186 -10.30 -27.68 12.96
N ILE A 187 -10.21 -26.74 12.01
CA ILE A 187 -11.13 -26.79 10.89
C ILE A 187 -10.94 -28.07 10.07
N THR A 188 -9.68 -28.44 9.82
CA THR A 188 -9.42 -29.74 9.20
C THR A 188 -10.03 -30.91 10.00
N ASP A 189 -9.86 -30.91 11.33
CA ASP A 189 -10.49 -31.89 12.21
C ASP A 189 -12.00 -31.85 12.08
N THR A 190 -12.55 -30.65 11.94
CA THR A 190 -13.98 -30.50 11.75
C THR A 190 -14.46 -31.11 10.41
N LEU A 191 -13.82 -30.77 9.31
CA LEU A 191 -14.19 -31.37 8.04
C LEU A 191 -14.17 -32.88 8.12
N ILE A 192 -13.11 -33.42 8.71
CA ILE A 192 -12.96 -34.86 8.79
C ILE A 192 -14.03 -35.47 9.66
N HIS A 193 -14.34 -34.81 10.76
CA HIS A 193 -15.44 -35.23 11.62
C HIS A 193 -16.75 -35.31 10.86
N LEU A 194 -17.08 -34.26 10.10
CA LEU A 194 -18.31 -34.29 9.33
C LEU A 194 -18.30 -35.52 8.40
N MET A 195 -17.15 -35.77 7.76
CA MET A 195 -17.01 -36.87 6.81
C MET A 195 -17.17 -38.26 7.45
N ALA A 196 -16.56 -38.46 8.61
CA ALA A 196 -16.75 -39.71 9.35
C ALA A 196 -18.23 -39.85 9.70
N LYS A 197 -18.75 -38.85 10.39
CA LYS A 197 -20.14 -38.80 10.78
C LYS A 197 -21.05 -39.27 9.65
N ALA A 198 -20.80 -38.76 8.45
CA ALA A 198 -21.59 -39.08 7.28
C ALA A 198 -21.42 -40.52 6.82
N GLY A 199 -20.43 -41.22 7.36
CA GLY A 199 -20.21 -42.61 6.97
C GLY A 199 -19.22 -42.87 5.84
N LEU A 200 -18.30 -41.94 5.56
CA LEU A 200 -17.20 -42.24 4.64
C LEU A 200 -16.13 -43.06 5.36
N THR A 201 -15.55 -44.03 4.66
CA THR A 201 -14.37 -44.72 5.16
C THR A 201 -13.26 -43.69 5.35
N LEU A 202 -12.29 -44.02 6.21
CA LEU A 202 -11.04 -43.26 6.28
C LEU A 202 -10.50 -42.89 4.91
N GLN A 203 -10.35 -43.88 4.04
CA GLN A 203 -9.75 -43.63 2.76
C GLN A 203 -10.57 -42.61 1.97
N GLN A 204 -11.90 -42.73 2.02
CA GLN A 204 -12.76 -41.78 1.32
C GLN A 204 -12.63 -40.43 1.96
N GLN A 205 -12.52 -40.43 3.30
CA GLN A 205 -12.39 -39.19 4.07
C GLN A 205 -11.20 -38.40 3.64
N HIS A 206 -10.04 -39.04 3.57
N HIS A 206 -10.05 -39.05 3.58
CA HIS A 206 -8.87 -38.27 3.21
CA HIS A 206 -8.81 -38.38 3.18
C HIS A 206 -8.88 -37.85 1.74
C HIS A 206 -8.94 -37.84 1.77
N GLN A 207 -9.48 -38.67 0.89
CA GLN A 207 -9.63 -38.28 -0.51
C GLN A 207 -10.54 -37.08 -0.69
N ARG A 208 -11.66 -37.05 0.03
CA ARG A 208 -12.58 -35.92 -0.09
C ARG A 208 -11.95 -34.65 0.42
N LEU A 209 -11.33 -34.74 1.58
CA LEU A 209 -10.58 -33.62 2.10
C LEU A 209 -9.62 -33.05 1.05
N ALA A 210 -8.90 -33.92 0.35
CA ALA A 210 -7.94 -33.45 -0.66
C ALA A 210 -8.61 -32.79 -1.84
N GLN A 211 -9.66 -33.45 -2.32
CA GLN A 211 -10.42 -32.94 -3.47
C GLN A 211 -11.01 -31.56 -3.16
N LEU A 212 -11.49 -31.39 -1.92
CA LEU A 212 -11.99 -30.09 -1.48
C LEU A 212 -10.90 -29.04 -1.42
N LEU A 213 -9.77 -29.39 -0.82
CA LEU A 213 -8.70 -28.42 -0.68
C LEU A 213 -8.08 -28.02 -2.02
N LEU A 214 -7.97 -28.98 -2.94
CA LEU A 214 -7.40 -28.71 -4.26
C LEU A 214 -8.20 -27.68 -5.04
N ILE A 215 -9.50 -27.71 -4.81
CA ILE A 215 -10.41 -26.71 -5.38
C ILE A 215 -10.12 -25.30 -4.89
N LEU A 216 -9.67 -25.14 -3.65
CA LEU A 216 -9.24 -23.82 -3.22
C LEU A 216 -8.12 -23.28 -4.09
N SER A 217 -7.28 -24.14 -4.64
CA SER A 217 -6.22 -23.57 -5.46
C SER A 217 -6.80 -22.96 -6.73
N HIS A 218 -7.87 -23.55 -7.23
N HIS A 218 -7.84 -23.58 -7.27
CA HIS A 218 -8.55 -22.96 -8.38
CA HIS A 218 -8.48 -22.95 -8.41
C HIS A 218 -9.29 -21.68 -8.03
C HIS A 218 -9.29 -21.69 -8.05
N ILE A 219 -9.78 -21.61 -6.81
CA ILE A 219 -10.48 -20.41 -6.38
C ILE A 219 -9.51 -19.24 -6.18
N ARG A 220 -8.28 -19.56 -5.78
CA ARG A 220 -7.22 -18.55 -5.68
C ARG A 220 -6.96 -18.00 -7.05
N HIS A 221 -6.75 -18.92 -7.98
CA HIS A 221 -6.49 -18.55 -9.36
C HIS A 221 -7.54 -17.58 -9.92
N MET A 222 -8.81 -17.95 -9.84
CA MET A 222 -9.91 -17.09 -10.29
C MET A 222 -9.90 -15.74 -9.61
N SER A 223 -9.66 -15.71 -8.31
CA SER A 223 -9.56 -14.44 -7.62
C SER A 223 -8.45 -13.58 -8.20
N ASN A 224 -7.27 -14.17 -8.40
CA ASN A 224 -6.13 -13.46 -8.98
C ASN A 224 -6.49 -12.90 -10.35
N LYS A 225 -7.14 -13.72 -11.17
CA LYS A 225 -7.59 -13.25 -12.46
C LYS A 225 -8.52 -12.06 -12.30
N GLY A 226 -9.41 -12.15 -11.33
CA GLY A 226 -10.42 -11.14 -11.13
C GLY A 226 -9.83 -9.86 -10.59
N MET A 227 -8.91 -10.02 -9.66
CA MET A 227 -8.24 -8.88 -9.09
C MET A 227 -7.51 -8.16 -10.21
N GLU A 228 -6.87 -8.95 -11.07
CA GLU A 228 -6.14 -8.47 -12.23
C GLU A 228 -6.99 -7.52 -13.04
N HIS A 229 -8.20 -7.96 -13.36
CA HIS A 229 -9.13 -7.16 -14.13
C HIS A 229 -9.56 -5.90 -13.38
N LEU A 230 -9.95 -6.05 -12.12
CA LEU A 230 -10.27 -4.92 -11.24
C LEU A 230 -9.21 -3.81 -11.22
N TYR A 231 -7.95 -4.20 -11.29
CA TYR A 231 -6.88 -3.21 -11.21
C TYR A 231 -6.68 -2.56 -12.58
N SER A 232 -7.37 -3.09 -13.57
CA SER A 232 -7.20 -2.67 -14.93
C SER A 232 -8.38 -1.81 -15.38
N MET A 233 -8.97 -1.12 -14.42
CA MET A 233 -9.98 -0.11 -14.74
C MET A 233 -9.65 1.18 -13.99
N LYS A 234 -9.80 2.29 -14.70
CA LYS A 234 -9.54 3.59 -14.12
C LYS A 234 -10.65 4.02 -13.18
N CYS A 235 -11.05 3.15 -12.25
CA CYS A 235 -12.01 3.51 -11.22
C CYS A 235 -11.43 3.20 -9.84
N ASN A 237 -12.33 3.40 -5.17
CA ASN A 237 -12.73 2.02 -5.40
C ASN A 237 -11.61 1.25 -6.11
N VAL A 238 -11.93 0.18 -6.86
CA VAL A 238 -13.19 -0.59 -6.74
C VAL A 238 -12.77 -1.83 -6.00
N VAL A 239 -11.89 -1.59 -5.04
CA VAL A 239 -11.13 -2.65 -4.42
C VAL A 239 -10.81 -2.06 -3.07
N PRO A 240 -11.28 -2.72 -1.98
CA PRO A 240 -11.25 -2.08 -0.65
C PRO A 240 -9.82 -1.89 -0.17
N SER A 241 -9.52 -0.67 0.29
CA SER A 241 -8.16 -0.32 0.69
C SER A 241 -7.89 -0.89 2.06
N TYR A 242 -6.62 -0.92 2.49
CA TYR A 242 -6.31 -1.35 3.84
C TYR A 242 -7.05 -0.52 4.90
N ASP A 243 -7.07 0.81 4.75
CA ASP A 243 -7.65 1.65 5.77
C ASP A 243 -9.16 1.44 5.77
N LEU A 244 -9.75 1.29 4.59
CA LEU A 244 -11.17 1.04 4.51
C LEU A 244 -11.52 -0.15 5.41
N LEU A 245 -10.77 -1.23 5.26
CA LEU A 245 -11.03 -2.46 6.01
C LEU A 245 -10.79 -2.33 7.51
N LEU A 246 -9.68 -1.70 7.86
CA LEU A 246 -9.32 -1.47 9.25
C LEU A 246 -10.49 -0.83 9.95
N GLU A 247 -10.89 0.31 9.39
CA GLU A 247 -12.01 1.05 9.93
C GLU A 247 -13.18 0.10 10.05
N MET A 248 -13.57 -0.54 8.95
CA MET A 248 -14.75 -1.38 9.00
C MET A 248 -14.63 -2.40 10.11
N LEU A 249 -13.42 -2.55 10.63
CA LEU A 249 -13.17 -3.58 11.62
C LEU A 249 -13.37 -3.09 13.04
N ASP A 250 -13.03 -1.85 13.33
CA ASP A 250 -13.25 -1.38 14.69
C ASP A 250 -14.77 -1.33 14.89
N ALA A 251 -15.24 -2.17 15.82
CA ALA A 251 -16.66 -2.46 15.98
C ALA A 251 -17.62 -1.56 15.18
N LEU B 11 -1.30 12.18 31.75
CA LEU B 11 -1.37 12.19 30.29
C LEU B 11 -0.71 13.44 29.70
N ALA B 12 -0.62 13.49 28.38
CA ALA B 12 0.22 14.49 27.71
C ALA B 12 -0.33 15.91 27.76
N LEU B 13 -1.66 16.06 27.72
CA LEU B 13 -2.32 17.37 27.72
C LEU B 13 -2.19 18.12 29.04
N SER B 14 -1.66 17.44 30.05
CA SER B 14 -1.57 18.03 31.38
C SER B 14 -0.19 18.64 31.64
N LEU B 15 0.77 18.33 30.79
CA LEU B 15 2.12 18.87 30.93
C LEU B 15 2.15 20.39 30.89
N THR B 16 2.93 21.00 31.78
CA THR B 16 3.21 22.42 31.65
C THR B 16 4.09 22.61 30.42
N ALA B 17 4.42 23.86 30.09
CA ALA B 17 5.40 24.10 29.02
C ALA B 17 6.80 23.63 29.44
N ASP B 18 7.16 23.87 30.69
CA ASP B 18 8.48 23.45 31.19
C ASP B 18 8.62 21.94 31.21
N GLN B 19 7.52 21.24 31.46
CA GLN B 19 7.55 19.78 31.49
C GLN B 19 7.54 19.23 30.08
N MET B 20 6.99 20.00 29.15
CA MET B 20 7.01 19.57 27.77
C MET B 20 8.42 19.68 27.18
N VAL B 21 9.11 20.79 27.41
CA VAL B 21 10.48 20.97 26.89
C VAL B 21 11.43 19.89 27.39
N SER B 22 11.32 19.62 28.69
CA SER B 22 12.09 18.61 29.38
C SER B 22 11.85 17.23 28.83
N ALA B 23 10.59 16.88 28.65
CA ALA B 23 10.31 15.57 28.10
C ALA B 23 10.90 15.47 26.70
N LEU B 24 10.84 16.54 25.93
CA LEU B 24 11.34 16.51 24.55
C LEU B 24 12.86 16.45 24.48
N LEU B 25 13.52 17.21 25.32
CA LEU B 25 14.95 17.13 25.42
C LEU B 25 15.40 15.71 25.82
N ASP B 26 14.83 15.17 26.88
CA ASP B 26 15.12 13.79 27.27
C ASP B 26 14.89 12.76 26.17
N ALA B 27 13.93 13.01 25.28
CA ALA B 27 13.60 12.03 24.24
C ALA B 27 14.60 12.00 23.09
N GLU B 28 15.36 13.07 22.95
CA GLU B 28 16.34 13.22 21.86
C GLU B 28 17.07 11.91 21.47
N PRO B 29 17.08 11.58 20.16
CA PRO B 29 17.81 10.42 19.68
C PRO B 29 19.30 10.69 19.66
N PRO B 30 20.16 9.67 19.53
CA PRO B 30 21.60 9.92 19.46
C PRO B 30 22.04 10.32 18.07
N ILE B 31 23.18 10.98 17.95
CA ILE B 31 23.84 11.13 16.66
C ILE B 31 24.61 9.90 16.26
N LEU B 32 24.35 9.41 15.04
CA LEU B 32 25.03 8.20 14.53
C LEU B 32 26.17 8.55 13.56
N TYR B 33 27.13 7.64 13.46
CA TYR B 33 28.20 7.74 12.51
C TYR B 33 27.82 7.02 11.23
N SER B 34 28.31 7.56 10.13
CA SER B 34 28.18 6.96 8.83
C SER B 34 29.09 5.73 8.78
N GLU B 35 28.77 4.77 7.91
CA GLU B 35 29.60 3.57 7.77
C GLU B 35 31.05 4.03 7.66
N TYR B 36 31.87 3.56 8.59
CA TYR B 36 33.23 4.07 8.70
C TYR B 36 34.11 3.84 7.47
N ASP B 37 34.83 4.89 7.07
CA ASP B 37 35.87 4.74 6.06
C ASP B 37 35.36 4.12 4.76
N PRO B 38 34.45 4.83 4.06
CA PRO B 38 33.99 4.32 2.77
C PRO B 38 35.05 4.64 1.72
N THR B 39 34.99 4.00 0.56
CA THR B 39 35.85 4.42 -0.53
C THR B 39 35.57 5.91 -0.81
N ARG B 40 36.62 6.73 -0.75
CA ARG B 40 36.55 8.07 -1.32
C ARG B 40 37.55 8.11 -2.49
N PRO B 41 37.23 8.87 -3.56
CA PRO B 41 36.04 9.68 -3.82
C PRO B 41 34.81 8.81 -3.88
N PHE B 42 33.65 9.44 -3.79
CA PHE B 42 32.37 8.74 -3.86
C PHE B 42 31.88 8.63 -5.30
N SER B 43 31.11 7.59 -5.59
CA SER B 43 30.28 7.58 -6.79
C SER B 43 28.85 7.92 -6.36
N GLU B 44 27.93 7.92 -7.33
CA GLU B 44 26.56 8.43 -7.10
C GLU B 44 25.83 7.47 -6.18
N ALA B 45 26.03 6.19 -6.45
CA ALA B 45 25.45 5.10 -5.68
C ALA B 45 26.16 4.87 -4.35
N SER B 46 27.46 5.09 -4.29
CA SER B 46 28.17 4.82 -3.05
C SER B 46 27.67 5.82 -2.02
N MET B 47 27.58 7.08 -2.42
CA MET B 47 27.00 8.02 -1.49
C MET B 47 25.62 7.55 -1.06
N MET B 48 24.75 7.24 -2.02
CA MET B 48 23.41 6.86 -1.65
C MET B 48 23.40 5.62 -0.75
N GLY B 49 24.34 4.70 -0.94
CA GLY B 49 24.44 3.53 -0.08
C GLY B 49 24.71 3.98 1.33
N LEU B 50 25.50 5.03 1.47
CA LEU B 50 25.89 5.52 2.77
C LEU B 50 24.73 6.27 3.43
N LEU B 51 24.02 7.07 2.64
CA LEU B 51 22.94 7.88 3.21
C LEU B 51 21.83 6.97 3.66
N THR B 52 21.54 6.01 2.81
CA THR B 52 20.52 5.02 3.02
C THR B 52 20.82 4.17 4.24
N ASN B 53 22.06 3.70 4.33
CA ASN B 53 22.45 2.89 5.46
C ASN B 53 22.26 3.67 6.73
N LEU B 54 22.74 4.91 6.71
CA LEU B 54 22.60 5.77 7.86
C LEU B 54 21.14 6.02 8.23
N ALA B 55 20.30 6.29 7.23
CA ALA B 55 18.92 6.59 7.56
C ALA B 55 18.24 5.41 8.24
N ASP B 56 18.44 4.22 7.67
CA ASP B 56 17.90 2.97 8.22
C ASP B 56 18.25 2.80 9.67
N ARG B 57 19.51 3.11 10.02
CA ARG B 57 19.98 2.98 11.40
C ARG B 57 19.33 4.06 12.25
N GLU B 58 19.18 5.26 11.70
CA GLU B 58 18.48 6.27 12.48
C GLU B 58 17.02 5.93 12.68
N LEU B 59 16.43 5.24 11.71
CA LEU B 59 15.02 4.88 11.77
C LEU B 59 14.65 4.28 13.13
N VAL B 60 15.43 3.28 13.53
CA VAL B 60 15.20 2.56 14.75
C VAL B 60 15.09 3.54 15.92
N HIS B 61 16.04 4.45 15.99
CA HIS B 61 16.08 5.43 17.06
C HIS B 61 14.99 6.50 17.02
N MET B 62 14.42 6.74 15.86
CA MET B 62 13.39 7.75 15.72
C MET B 62 12.11 7.21 16.32
N ILE B 63 11.91 5.90 16.18
CA ILE B 63 10.78 5.23 16.81
C ILE B 63 10.85 5.36 18.32
N ASN B 64 12.04 5.13 18.88
CA ASN B 64 12.22 5.25 20.32
C ASN B 64 11.89 6.68 20.71
N TRP B 65 12.28 7.61 19.86
CA TRP B 65 12.04 9.00 20.12
C TRP B 65 10.55 9.33 19.98
N ALA B 66 9.94 8.87 18.90
CA ALA B 66 8.54 9.16 18.66
C ALA B 66 7.64 8.70 19.81
N LYS B 67 7.85 7.48 20.30
CA LYS B 67 7.08 6.98 21.44
C LYS B 67 7.25 7.76 22.76
N ARG B 68 8.26 8.62 22.85
CA ARG B 68 8.39 9.50 23.99
C ARG B 68 7.95 10.93 23.69
N VAL B 69 7.38 11.18 22.52
CA VAL B 69 6.83 12.50 22.26
C VAL B 69 5.50 12.52 23.01
N PRO B 70 5.35 13.43 23.99
CA PRO B 70 4.10 13.44 24.73
C PRO B 70 2.91 13.36 23.80
N GLY B 71 2.07 12.35 23.99
CA GLY B 71 0.87 12.22 23.21
C GLY B 71 0.96 11.25 22.05
N PHE B 72 2.16 10.96 21.58
CA PHE B 72 2.28 9.99 20.50
C PHE B 72 1.67 8.65 20.86
N VAL B 73 1.99 8.15 22.06
CA VAL B 73 1.53 6.79 22.41
C VAL B 73 0.00 6.64 22.55
N ASP B 74 -0.69 7.75 22.84
CA ASP B 74 -2.13 7.69 23.00
C ASP B 74 -2.82 7.35 21.70
N LEU B 75 -2.05 7.31 20.61
CA LEU B 75 -2.62 7.07 19.30
C LEU B 75 -2.73 5.58 19.04
N THR B 76 -3.73 5.15 18.28
CA THR B 76 -3.73 3.78 17.85
C THR B 76 -2.45 3.57 17.07
N ARG B 77 -2.04 2.32 16.98
CA ARG B 77 -0.83 1.95 16.29
C ARG B 77 -0.90 2.36 14.84
N HIS B 78 -2.05 2.13 14.23
CA HIS B 78 -2.21 2.49 12.84
C HIS B 78 -1.87 3.95 12.62
N ASP B 79 -2.34 4.83 13.50
CA ASP B 79 -2.06 6.25 13.29
C ASP B 79 -0.59 6.57 13.63
N GLN B 80 -0.02 5.82 14.56
CA GLN B 80 1.35 6.11 14.86
C GLN B 80 2.21 5.77 13.66
N VAL B 81 1.86 4.73 12.93
CA VAL B 81 2.62 4.35 11.76
C VAL B 81 2.46 5.33 10.63
N HIS B 82 1.21 5.67 10.39
CA HIS B 82 0.87 6.64 9.36
C HIS B 82 1.58 7.97 9.55
N LEU B 83 1.66 8.43 10.80
CA LEU B 83 2.41 9.66 11.09
C LEU B 83 3.90 9.53 10.79
N LEU B 84 4.43 8.34 11.02
CA LEU B 84 5.88 8.16 10.84
C LEU B 84 6.20 8.00 9.37
N GLU B 85 5.37 7.22 8.67
CA GLU B 85 5.43 7.05 7.23
C GLU B 85 5.57 8.39 6.51
N CYS B 86 4.68 9.29 6.87
CA CYS B 86 4.61 10.58 6.20
C CYS B 86 5.77 11.51 6.58
N ALA B 87 6.25 11.41 7.82
CA ALA B 87 7.21 12.38 8.37
C ALA B 87 8.67 11.98 8.48
N TRP B 88 8.99 10.72 8.25
CA TRP B 88 10.32 10.24 8.61
C TRP B 88 11.46 11.01 7.95
N LEU B 89 11.34 11.29 6.65
CA LEU B 89 12.40 12.00 5.96
C LEU B 89 12.46 13.46 6.43
N GLU B 90 11.31 14.14 6.55
CA GLU B 90 11.30 15.48 7.13
C GLU B 90 12.07 15.48 8.45
N ILE B 91 11.84 14.47 9.27
CA ILE B 91 12.44 14.42 10.59
C ILE B 91 13.95 14.26 10.50
N LEU B 92 14.40 13.35 9.64
CA LEU B 92 15.83 13.24 9.43
C LEU B 92 16.34 14.58 8.95
N MET B 93 15.64 15.18 8.00
CA MET B 93 16.15 16.40 7.38
C MET B 93 16.26 17.56 8.35
N ILE B 94 15.37 17.63 9.34
CA ILE B 94 15.52 18.73 10.28
C ILE B 94 16.65 18.46 11.24
N GLY B 95 16.85 17.18 11.52
CA GLY B 95 18.02 16.75 12.24
C GLY B 95 19.29 17.25 11.56
N LEU B 96 19.46 16.85 10.31
CA LEU B 96 20.55 17.32 9.48
C LEU B 96 20.79 18.82 9.56
N VAL B 97 19.76 19.58 9.21
CA VAL B 97 19.87 21.02 9.18
C VAL B 97 20.29 21.60 10.52
N TRP B 98 19.78 21.01 11.61
CA TRP B 98 20.20 21.42 12.96
C TRP B 98 21.68 21.14 13.18
N ARG B 99 22.09 19.88 13.02
CA ARG B 99 23.51 19.52 13.01
C ARG B 99 24.40 20.46 12.20
N SER B 100 23.89 20.94 11.06
CA SER B 100 24.78 21.60 10.10
C SER B 100 24.94 23.09 10.36
N MET B 101 24.26 23.60 11.38
CA MET B 101 24.14 25.05 11.49
C MET B 101 25.47 25.74 11.59
N GLU B 102 26.39 25.21 12.37
CA GLU B 102 27.64 25.94 12.52
C GLU B 102 28.69 25.37 11.58
N HIS B 103 28.25 24.98 10.38
CA HIS B 103 29.14 24.49 9.34
C HIS B 103 28.68 25.06 8.01
N PRO B 104 28.87 26.37 7.82
CA PRO B 104 28.53 27.08 6.59
C PRO B 104 29.04 26.36 5.36
N GLY B 105 28.14 26.05 4.43
CA GLY B 105 28.55 25.44 3.18
C GLY B 105 28.51 23.92 3.21
N LYS B 106 28.24 23.35 4.37
CA LYS B 106 28.37 21.89 4.50
C LYS B 106 27.20 21.22 5.21
N LEU B 107 26.90 20.01 4.78
CA LEU B 107 25.91 19.20 5.48
C LEU B 107 26.55 18.09 6.31
N LEU B 108 26.36 18.16 7.62
CA LEU B 108 26.89 17.22 8.55
C LEU B 108 25.93 16.04 8.67
N PHE B 109 25.95 15.14 7.69
CA PHE B 109 25.09 13.98 7.76
C PHE B 109 25.49 13.10 8.93
N ALA B 110 26.79 12.95 9.12
CA ALA B 110 27.37 12.29 10.31
C ALA B 110 28.67 13.00 10.66
N PRO B 111 29.16 12.80 11.88
CA PRO B 111 30.30 13.60 12.29
C PRO B 111 31.53 13.18 11.49
N ASN B 112 31.50 11.93 11.01
CA ASN B 112 32.49 11.42 10.06
C ASN B 112 32.00 11.48 8.60
N LEU B 113 31.06 12.37 8.31
CA LEU B 113 30.55 12.50 6.95
C LEU B 113 30.07 13.91 6.68
N LEU B 114 31.01 14.85 6.62
CA LEU B 114 30.67 16.24 6.42
C LEU B 114 30.95 16.65 4.98
N LEU B 115 29.88 16.89 4.22
CA LEU B 115 30.00 17.11 2.78
C LEU B 115 29.70 18.56 2.36
N ASP B 116 30.53 19.10 1.49
CA ASP B 116 30.20 20.33 0.78
C ASP B 116 29.44 19.96 -0.48
N ARG B 117 29.02 20.97 -1.21
CA ARG B 117 28.12 20.86 -2.33
C ARG B 117 28.76 20.13 -3.51
N ASN B 118 30.08 20.05 -3.51
CA ASN B 118 30.79 19.39 -4.59
C ASN B 118 31.22 17.96 -4.28
N GLN B 119 31.55 17.71 -3.02
CA GLN B 119 32.14 16.44 -2.59
C GLN B 119 31.38 15.21 -3.08
N GLY B 120 30.21 14.98 -2.51
CA GLY B 120 29.39 13.83 -2.88
C GLY B 120 29.11 13.81 -4.36
N LYS B 121 28.87 12.61 -4.88
CA LYS B 121 28.55 12.44 -6.29
C LYS B 121 27.03 12.41 -6.40
N VAL B 123 23.29 13.62 -8.37
CA VAL B 123 22.57 14.01 -9.55
C VAL B 123 22.10 15.48 -9.45
N GLU B 124 21.78 16.09 -10.58
CA GLU B 124 21.47 17.51 -10.62
C GLU B 124 20.19 17.90 -9.84
N GLY B 125 19.26 16.94 -9.69
CA GLY B 125 18.12 17.14 -8.81
C GLY B 125 18.53 17.01 -7.35
N MET B 126 19.61 16.26 -7.13
CA MET B 126 20.11 16.08 -5.79
C MET B 126 20.76 17.38 -5.32
N VAL B 127 21.54 18.00 -6.21
CA VAL B 127 22.25 19.20 -5.87
C VAL B 127 21.30 20.32 -5.49
N GLU B 128 20.09 20.29 -6.04
CA GLU B 128 19.10 21.29 -5.69
C GLU B 128 18.59 21.06 -4.28
N ILE B 129 18.35 19.80 -3.91
CA ILE B 129 17.95 19.50 -2.55
C ILE B 129 19.06 19.89 -1.57
N PHE B 130 20.27 19.44 -1.86
CA PHE B 130 21.44 19.79 -1.07
C PHE B 130 21.47 21.30 -0.82
N ASP B 131 21.42 22.06 -1.90
CA ASP B 131 21.28 23.50 -1.89
C ASP B 131 20.13 23.97 -1.00
N MET B 132 19.00 23.30 -1.10
CA MET B 132 17.87 23.59 -0.24
C MET B 132 18.19 23.35 1.23
N LEU B 133 18.74 22.19 1.55
CA LEU B 133 19.14 21.89 2.92
C LEU B 133 20.12 22.94 3.47
N LEU B 134 21.04 23.39 2.62
CA LEU B 134 22.00 24.41 3.03
C LEU B 134 21.34 25.75 3.36
N ALA B 135 20.45 26.18 2.46
CA ALA B 135 19.69 27.40 2.68
C ALA B 135 18.98 27.40 4.01
N THR B 136 18.20 26.34 4.25
CA THR B 136 17.47 26.15 5.50
C THR B 136 18.38 26.27 6.70
N SER B 137 19.50 25.55 6.63
CA SER B 137 20.48 25.59 7.70
C SER B 137 20.99 27.00 7.97
N SER B 138 21.27 27.77 6.93
CA SER B 138 21.67 29.14 7.17
C SER B 138 20.53 29.86 7.88
N ARG B 139 19.32 29.66 7.41
CA ARG B 139 18.18 30.38 7.96
C ARG B 139 18.05 30.14 9.46
N PHE B 140 18.11 28.88 9.89
CA PHE B 140 18.13 28.57 11.33
C PHE B 140 19.30 29.23 12.05
N ARG B 141 20.45 29.30 11.39
CA ARG B 141 21.61 29.95 11.94
C ARG B 141 21.32 31.44 12.03
N MET B 142 20.79 32.01 10.95
CA MET B 142 20.43 33.44 10.97
C MET B 142 19.49 33.78 12.12
N MET B 143 18.50 32.91 12.34
CA MET B 143 17.50 33.12 13.41
C MET B 143 18.01 32.70 14.76
N ASN B 144 19.26 32.26 14.82
CA ASN B 144 19.81 31.72 16.06
C ASN B 144 18.81 30.76 16.68
N LEU B 145 18.42 29.72 15.94
CA LEU B 145 17.45 28.75 16.45
C LEU B 145 17.98 28.16 17.75
N GLN B 146 17.13 28.04 18.77
CA GLN B 146 17.50 27.36 20.02
C GLN B 146 17.13 25.89 20.08
N GLY B 147 17.95 25.10 20.76
CA GLY B 147 17.72 23.68 20.92
C GLY B 147 16.33 23.34 21.42
N GLU B 148 15.83 24.08 22.40
CA GLU B 148 14.48 23.87 22.92
C GLU B 148 13.40 24.18 21.90
N GLU B 149 13.71 25.04 20.94
CA GLU B 149 12.82 25.37 19.84
C GLU B 149 12.86 24.27 18.80
N PHE B 150 14.06 23.80 18.49
CA PHE B 150 14.24 22.69 17.57
C PHE B 150 13.47 21.44 17.97
N VAL B 151 13.45 21.09 19.25
CA VAL B 151 12.77 19.85 19.64
C VAL B 151 11.25 19.99 19.50
N CYS B 152 10.78 21.21 19.76
CA CYS B 152 9.39 21.56 19.53
C CYS B 152 9.00 21.46 18.06
N LEU B 153 9.83 22.06 17.22
CA LEU B 153 9.58 22.00 15.78
C LEU B 153 9.60 20.60 15.22
N LYS B 154 10.55 19.78 15.67
CA LYS B 154 10.66 18.41 15.20
C LYS B 154 9.41 17.62 15.59
N SER B 155 8.97 17.79 16.84
CA SER B 155 7.74 17.19 17.32
C SER B 155 6.52 17.61 16.53
N ILE B 156 6.42 18.90 16.25
CA ILE B 156 5.33 19.42 15.45
C ILE B 156 5.32 18.73 14.09
N ILE B 157 6.48 18.60 13.46
CA ILE B 157 6.56 17.91 12.17
C ILE B 157 5.95 16.52 12.23
N LEU B 158 6.29 15.80 13.30
CA LEU B 158 5.80 14.45 13.53
C LEU B 158 4.29 14.36 13.63
N LEU B 159 3.68 15.29 14.37
CA LEU B 159 2.25 15.21 14.61
C LEU B 159 1.44 15.88 13.49
N ASN B 160 2.10 16.78 12.74
CA ASN B 160 1.39 17.54 11.71
C ASN B 160 1.38 16.89 10.37
N SER B 161 2.51 16.31 10.00
CA SER B 161 2.73 16.02 8.60
C SER B 161 1.65 15.11 8.06
N GLY B 162 1.24 14.13 8.85
CA GLY B 162 0.32 13.14 8.35
C GLY B 162 -1.10 13.24 8.87
N VAL B 163 -1.39 14.27 9.65
CA VAL B 163 -2.69 14.32 10.32
C VAL B 163 -3.85 14.65 9.40
N TYR B 164 -3.61 15.38 8.31
CA TYR B 164 -4.68 15.79 7.40
C TYR B 164 -5.13 14.60 6.57
N THR B 165 -4.28 13.57 6.50
CA THR B 165 -4.62 12.43 5.67
C THR B 165 -4.97 11.18 6.50
N PHE B 166 -5.65 11.39 7.62
CA PHE B 166 -6.26 10.28 8.35
C PHE B 166 -7.49 9.85 7.58
N LEU B 167 -8.17 10.87 7.06
CA LEU B 167 -9.34 10.73 6.19
C LEU B 167 -10.70 10.67 6.80
N SER B 168 -10.78 10.33 8.09
CA SER B 168 -11.98 10.64 8.84
C SER B 168 -13.06 9.57 8.85
N SER B 169 -14.29 10.08 8.80
CA SER B 169 -15.49 9.35 9.22
C SER B 169 -15.36 9.10 10.70
N THR B 170 -15.47 7.83 11.02
CA THR B 170 -15.67 7.34 12.37
C THR B 170 -15.33 8.30 13.52
N LEU B 171 -16.10 8.15 14.58
CA LEU B 171 -15.96 8.97 15.78
C LEU B 171 -14.55 8.89 16.33
N LYS B 172 -13.98 7.69 16.32
CA LYS B 172 -12.61 7.48 16.78
C LYS B 172 -11.62 8.18 15.85
N SER B 173 -11.89 8.16 14.54
CA SER B 173 -11.02 8.81 13.59
C SER B 173 -11.01 10.30 13.84
N LEU B 174 -12.16 10.83 14.26
CA LEU B 174 -12.27 12.24 14.61
C LEU B 174 -11.57 12.51 15.94
N GLU B 175 -11.74 11.61 16.91
CA GLU B 175 -11.10 11.78 18.20
C GLU B 175 -9.59 11.90 18.03
N GLU B 176 -9.01 10.97 17.28
CA GLU B 176 -7.57 10.95 17.09
C GLU B 176 -7.10 12.27 16.50
N LYS B 177 -7.79 12.76 15.47
CA LYS B 177 -7.38 14.02 14.88
C LYS B 177 -7.52 15.15 15.89
N ASP B 178 -8.49 15.02 16.79
CA ASP B 178 -8.77 16.11 17.71
C ASP B 178 -7.70 16.13 18.80
N HIS B 179 -7.23 14.94 19.15
CA HIS B 179 -6.19 14.80 20.14
C HIS B 179 -4.84 15.33 19.64
N ILE B 180 -4.44 14.89 18.44
CA ILE B 180 -3.27 15.44 17.76
C ILE B 180 -3.29 16.96 17.77
N HIS B 181 -4.41 17.51 17.30
CA HIS B 181 -4.55 18.95 17.24
C HIS B 181 -4.40 19.61 18.63
N ARG B 182 -4.85 18.94 19.69
CA ARG B 182 -4.68 19.47 21.04
C ARG B 182 -3.21 19.42 21.51
N VAL B 183 -2.52 18.31 21.25
CA VAL B 183 -1.08 18.26 21.50
C VAL B 183 -0.31 19.31 20.71
N LEU B 184 -0.66 19.49 19.44
CA LEU B 184 0.02 20.53 18.66
C LEU B 184 -0.11 21.88 19.37
N ASP B 185 -1.32 22.20 19.83
CA ASP B 185 -1.58 23.41 20.60
C ASP B 185 -0.69 23.60 21.84
N LYS B 186 -0.41 22.51 22.58
CA LYS B 186 0.45 22.59 23.76
C LYS B 186 1.88 22.83 23.31
N ILE B 187 2.28 22.21 22.20
CA ILE B 187 3.59 22.48 21.66
C ILE B 187 3.70 23.95 21.22
N THR B 188 2.66 24.45 20.56
CA THR B 188 2.60 25.89 20.29
C THR B 188 2.74 26.76 21.55
N ASP B 189 1.98 26.42 22.60
CA ASP B 189 2.09 27.08 23.90
C ASP B 189 3.52 26.99 24.43
N THR B 190 4.14 25.83 24.22
CA THR B 190 5.50 25.64 24.67
C THR B 190 6.48 26.56 23.91
N LEU B 191 6.43 26.58 22.58
CA LEU B 191 7.28 27.49 21.83
C LEU B 191 7.12 28.93 22.29
N ILE B 192 5.87 29.35 22.47
CA ILE B 192 5.59 30.71 22.88
C ILE B 192 6.14 30.98 24.26
N HIS B 193 6.01 29.99 25.15
CA HIS B 193 6.57 30.11 26.49
C HIS B 193 8.07 30.30 26.46
N LEU B 194 8.77 29.50 25.67
CA LEU B 194 10.22 29.65 25.56
C LEU B 194 10.52 31.09 25.10
N MET B 195 9.75 31.57 24.12
CA MET B 195 9.99 32.89 23.55
C MET B 195 9.73 34.06 24.52
N ALA B 196 8.67 33.96 25.32
CA ALA B 196 8.43 34.96 26.37
C ALA B 196 9.57 34.91 27.37
N LYS B 197 9.82 33.71 27.89
CA LYS B 197 10.89 33.47 28.85
C LYS B 197 12.15 34.18 28.41
N ALA B 198 12.51 34.01 27.14
CA ALA B 198 13.71 34.60 26.57
C ALA B 198 13.68 36.12 26.53
N GLY B 199 12.49 36.71 26.70
CA GLY B 199 12.40 38.15 26.67
C GLY B 199 12.01 38.77 25.34
N LEU B 200 11.40 38.01 24.43
CA LEU B 200 10.78 38.62 23.25
C LEU B 200 9.47 39.29 23.63
N THR B 201 9.18 40.43 23.00
CA THR B 201 7.86 41.03 23.12
C THR B 201 6.83 40.07 22.50
N LEU B 202 5.57 40.23 22.89
CA LEU B 202 4.45 39.57 22.19
C LEU B 202 4.58 39.60 20.67
N GLN B 203 4.80 40.80 20.14
CA GLN B 203 4.84 40.94 18.70
C GLN B 203 6.00 40.12 18.10
N GLN B 204 7.15 40.14 18.76
CA GLN B 204 8.29 39.38 18.27
C GLN B 204 7.95 37.91 18.39
N GLN B 205 7.30 37.56 19.50
CA GLN B 205 6.91 36.17 19.76
C GLN B 205 6.10 35.61 18.61
N HIS B 206 5.07 36.34 18.19
CA HIS B 206 4.20 35.87 17.15
C HIS B 206 4.97 35.77 15.86
N GLN B 207 5.81 36.76 15.62
CA GLN B 207 6.56 36.78 14.38
C GLN B 207 7.52 35.57 14.30
N ARG B 208 8.20 35.27 15.41
CA ARG B 208 9.16 34.16 15.40
C ARG B 208 8.46 32.83 15.24
N LEU B 209 7.36 32.65 15.97
CA LEU B 209 6.56 31.48 15.78
C LEU B 209 6.22 31.28 14.30
N ALA B 210 5.79 32.35 13.61
CA ALA B 210 5.40 32.22 12.21
C ALA B 210 6.57 31.87 11.33
N GLN B 211 7.68 32.56 11.54
CA GLN B 211 8.90 32.34 10.75
C GLN B 211 9.37 30.90 10.91
N LEU B 212 9.27 30.38 12.14
CA LEU B 212 9.61 28.97 12.38
C LEU B 212 8.66 28.03 11.66
N LEU B 213 7.36 28.27 11.76
CA LEU B 213 6.41 27.36 11.15
C LEU B 213 6.48 27.41 9.62
N LEU B 214 6.73 28.58 9.04
CA LEU B 214 6.85 28.72 7.59
C LEU B 214 7.97 27.89 7.00
N ILE B 215 9.00 27.72 7.81
CA ILE B 215 10.14 26.88 7.44
C ILE B 215 9.76 25.40 7.35
N LEU B 216 8.83 24.95 8.19
CA LEU B 216 8.33 23.59 7.99
C LEU B 216 7.75 23.39 6.61
N SER B 217 7.20 24.43 5.98
CA SER B 217 6.65 24.15 4.66
C SER B 217 7.76 23.87 3.66
N HIS B 218 8.92 24.50 3.86
N HIS B 218 8.91 24.54 3.82
CA HIS B 218 10.06 24.20 3.01
CA HIS B 218 10.04 24.20 2.96
C HIS B 218 10.66 22.84 3.31
C HIS B 218 10.69 22.86 3.30
N ILE B 219 10.55 22.41 4.55
CA ILE B 219 11.07 21.09 4.93
C ILE B 219 10.19 19.99 4.33
N ARG B 220 8.88 20.26 4.21
CA ARG B 220 7.97 19.33 3.58
C ARG B 220 8.36 19.22 2.12
N HIS B 221 8.53 20.36 1.47
CA HIS B 221 8.93 20.37 0.09
C HIS B 221 10.17 19.51 -0.20
N MET B 222 11.26 19.79 0.54
CA MET B 222 12.50 19.02 0.41
C MET B 222 12.27 17.53 0.60
N SER B 223 11.51 17.16 1.63
CA SER B 223 11.21 15.75 1.83
C SER B 223 10.50 15.14 0.61
N ASN B 224 9.51 15.85 0.07
CA ASN B 224 8.80 15.37 -1.12
C ASN B 224 9.77 15.21 -2.29
N LYS B 225 10.66 16.17 -2.47
CA LYS B 225 11.65 16.05 -3.51
C LYS B 225 12.50 14.81 -3.27
N GLY B 226 12.86 14.58 -2.02
CA GLY B 226 13.75 13.49 -1.69
C GLY B 226 13.07 12.15 -1.85
N MET B 227 11.83 12.09 -1.40
CA MET B 227 11.05 10.88 -1.52
C MET B 227 10.93 10.55 -3.01
N GLU B 228 10.69 11.59 -3.81
CA GLU B 228 10.57 11.49 -5.25
C GLU B 228 11.75 10.74 -5.83
N HIS B 229 12.94 11.17 -5.44
CA HIS B 229 14.18 10.56 -5.89
C HIS B 229 14.31 9.11 -5.40
N LEU B 230 14.09 8.88 -4.11
CA LEU B 230 14.08 7.54 -3.52
C LEU B 230 13.19 6.55 -4.29
N TYR B 231 12.07 7.02 -4.80
CA TYR B 231 11.15 6.12 -5.50
C TYR B 231 11.64 5.88 -6.93
N SER B 232 12.60 6.68 -7.37
CA SER B 232 13.09 6.55 -8.73
C SER B 232 14.42 5.82 -8.75
N MET B 233 14.53 4.81 -7.87
CA MET B 233 15.66 3.89 -7.86
C MET B 233 15.07 2.51 -7.88
N LYS B 234 15.67 1.62 -8.66
CA LYS B 234 15.28 0.23 -8.66
C LYS B 234 15.86 -0.53 -7.48
N CYS B 235 15.77 0.05 -6.27
CA CYS B 235 16.19 -0.63 -5.06
C CYS B 235 15.02 -0.75 -4.07
N LYS B 236 13.81 -0.69 -4.64
CA LYS B 236 12.56 -0.89 -3.92
C LYS B 236 12.64 -0.47 -2.45
N VAL B 238 14.17 1.19 -0.34
CA VAL B 238 15.07 1.96 0.51
C VAL B 238 14.22 2.97 1.27
N VAL B 239 12.98 2.55 1.56
CA VAL B 239 11.97 3.45 2.05
C VAL B 239 11.12 2.54 2.93
N PRO B 240 11.03 2.86 4.23
CA PRO B 240 10.43 1.92 5.19
C PRO B 240 8.95 1.70 4.89
N SER B 241 8.56 0.42 4.81
CA SER B 241 7.19 0.06 4.47
C SER B 241 6.31 0.24 5.68
N TYR B 242 5.00 0.23 5.49
CA TYR B 242 4.08 0.29 6.62
C TYR B 242 4.34 -0.85 7.62
N ASP B 243 4.49 -2.07 7.14
CA ASP B 243 4.64 -3.20 8.05
C ASP B 243 5.97 -3.08 8.78
N LEU B 244 7.01 -2.65 8.07
CA LEU B 244 8.30 -2.48 8.68
C LEU B 244 8.14 -1.62 9.94
N LEU B 245 7.45 -0.48 9.79
CA LEU B 245 7.28 0.49 10.86
C LEU B 245 6.40 -0.05 11.98
N LEU B 246 5.31 -0.71 11.62
CA LEU B 246 4.40 -1.25 12.59
C LEU B 246 5.16 -2.14 13.54
N GLU B 247 5.81 -3.14 12.95
CA GLU B 247 6.64 -4.04 13.69
C GLU B 247 7.59 -3.24 14.57
N MET B 248 8.38 -2.35 13.98
CA MET B 248 9.36 -1.63 14.76
C MET B 248 8.70 -0.96 15.94
N LEU B 249 7.38 -0.88 15.90
CA LEU B 249 6.65 -0.14 16.92
C LEU B 249 6.24 -1.01 18.10
N ASP B 250 5.89 -2.26 17.86
CA ASP B 250 5.52 -3.10 18.99
C ASP B 250 6.79 -3.31 19.82
N ALA B 251 6.73 -2.77 21.06
CA ALA B 251 7.91 -2.59 21.90
C ALA B 251 9.18 -3.30 21.39
N SER C 10 -4.76 -46.79 -15.75
CA SER C 10 -5.02 -48.12 -15.26
C SER C 10 -3.78 -48.69 -14.55
N LEU C 11 -2.65 -48.73 -15.26
CA LEU C 11 -1.35 -49.00 -14.62
C LEU C 11 -1.19 -48.17 -13.36
N ALA C 12 -1.25 -46.85 -13.54
CA ALA C 12 -1.09 -45.89 -12.45
C ALA C 12 -2.05 -46.17 -11.30
N LEU C 13 -3.26 -46.63 -11.62
CA LEU C 13 -4.31 -46.80 -10.62
C LEU C 13 -4.04 -48.02 -9.78
N SER C 14 -3.18 -48.88 -10.29
CA SER C 14 -2.85 -50.10 -9.56
C SER C 14 -1.60 -49.97 -8.69
N LEU C 15 -0.88 -48.86 -8.78
CA LEU C 15 0.39 -48.74 -8.07
C LEU C 15 0.25 -48.80 -6.56
N THR C 16 1.25 -49.19 -5.80
CA THR C 16 1.05 -48.96 -4.37
C THR C 16 1.57 -47.58 -4.06
N ALA C 17 1.40 -47.16 -2.81
CA ALA C 17 2.01 -45.95 -2.27
C ALA C 17 3.53 -45.90 -2.44
N ASP C 18 4.17 -47.06 -2.26
CA ASP C 18 5.62 -47.18 -2.33
C ASP C 18 6.09 -47.19 -3.80
N GLN C 19 5.31 -47.80 -4.68
CA GLN C 19 5.65 -47.82 -6.09
C GLN C 19 5.47 -46.43 -6.69
N MET C 20 4.45 -45.72 -6.24
CA MET C 20 4.17 -44.36 -6.71
C MET C 20 5.34 -43.45 -6.36
N VAL C 21 5.79 -43.54 -5.12
CA VAL C 21 6.90 -42.73 -4.66
C VAL C 21 8.16 -43.08 -5.42
N SER C 22 8.39 -44.38 -5.57
CA SER C 22 9.57 -44.82 -6.24
C SER C 22 9.55 -44.34 -7.68
N ALA C 23 8.40 -44.41 -8.35
CA ALA C 23 8.30 -43.87 -9.71
C ALA C 23 8.60 -42.38 -9.70
N LEU C 24 8.10 -41.67 -8.70
CA LEU C 24 8.30 -40.23 -8.64
C LEU C 24 9.73 -39.80 -8.31
N LEU C 25 10.44 -40.56 -7.48
CA LEU C 25 11.82 -40.19 -7.20
C LEU C 25 12.69 -40.44 -8.43
N ASP C 26 12.49 -41.60 -9.07
CA ASP C 26 13.22 -41.93 -10.28
C ASP C 26 13.04 -40.86 -11.36
N ALA C 27 11.89 -40.21 -11.37
CA ALA C 27 11.63 -39.23 -12.41
C ALA C 27 12.16 -37.82 -12.19
N GLU C 28 12.65 -37.53 -11.00
CA GLU C 28 13.14 -36.19 -10.67
C GLU C 28 14.16 -35.66 -11.70
N PRO C 29 13.99 -34.38 -12.11
CA PRO C 29 14.99 -33.75 -12.95
C PRO C 29 16.26 -33.52 -12.14
N PRO C 30 17.40 -33.39 -12.83
CA PRO C 30 18.61 -32.98 -12.11
C PRO C 30 18.48 -31.52 -11.70
N ILE C 31 19.31 -31.05 -10.78
CA ILE C 31 19.40 -29.61 -10.49
C ILE C 31 20.42 -28.98 -11.43
N LEU C 32 20.00 -28.01 -12.24
CA LEU C 32 20.91 -27.42 -13.24
C LEU C 32 21.68 -26.21 -12.68
N TYR C 33 22.85 -25.94 -13.26
CA TYR C 33 23.57 -24.72 -12.91
C TYR C 33 23.21 -23.53 -13.75
N SER C 34 23.26 -22.36 -13.12
CA SER C 34 23.07 -21.14 -13.87
C SER C 34 24.32 -20.94 -14.70
N GLU C 35 24.17 -20.84 -16.01
CA GLU C 35 25.32 -20.60 -16.87
C GLU C 35 25.42 -19.13 -17.21
N TYR C 36 25.74 -18.43 -16.13
CA TYR C 36 26.95 -17.63 -16.00
C TYR C 36 26.85 -16.96 -14.64
N SER C 46 19.25 -8.17 -15.82
CA SER C 46 20.11 -9.34 -15.94
C SER C 46 19.49 -10.51 -15.18
N MET C 47 18.91 -10.21 -14.03
CA MET C 47 18.15 -11.21 -13.29
C MET C 47 17.23 -11.97 -14.24
N MET C 48 16.46 -11.24 -15.06
CA MET C 48 15.58 -11.90 -16.01
C MET C 48 16.43 -12.75 -16.96
N GLY C 49 17.66 -12.32 -17.19
CA GLY C 49 18.52 -13.03 -18.12
C GLY C 49 18.79 -14.40 -17.56
N LEU C 50 19.10 -14.46 -16.27
CA LEU C 50 19.52 -15.69 -15.64
C LEU C 50 18.37 -16.65 -15.49
N LEU C 51 17.21 -16.15 -15.11
CA LEU C 51 16.03 -17.01 -14.97
C LEU C 51 15.67 -17.60 -16.32
N THR C 52 15.74 -16.78 -17.36
CA THR C 52 15.41 -17.22 -18.72
C THR C 52 16.35 -18.33 -19.19
N ASN C 53 17.65 -18.13 -18.99
CA ASN C 53 18.63 -19.16 -19.32
C ASN C 53 18.36 -20.48 -18.56
N LEU C 54 18.08 -20.36 -17.27
CA LEU C 54 17.78 -21.53 -16.44
C LEU C 54 16.44 -22.15 -16.78
N ALA C 55 15.40 -21.33 -16.82
CA ALA C 55 14.05 -21.81 -17.13
C ALA C 55 14.03 -22.65 -18.41
N ASP C 56 14.66 -22.11 -19.46
CA ASP C 56 14.67 -22.69 -20.78
C ASP C 56 15.28 -24.08 -20.78
N ARG C 57 16.34 -24.26 -19.99
CA ARG C 57 16.96 -25.56 -19.89
C ARG C 57 16.14 -26.48 -18.99
N GLU C 58 15.57 -25.92 -17.93
CA GLU C 58 14.78 -26.73 -17.03
C GLU C 58 13.55 -27.34 -17.68
N LEU C 59 12.95 -26.58 -18.59
CA LEU C 59 11.67 -26.94 -19.20
C LEU C 59 11.77 -28.25 -19.96
N VAL C 60 12.86 -28.40 -20.68
CA VAL C 60 13.19 -29.62 -21.38
C VAL C 60 13.11 -30.82 -20.43
N HIS C 61 13.71 -30.68 -19.25
CA HIS C 61 13.67 -31.70 -18.22
C HIS C 61 12.29 -31.90 -17.58
N MET C 62 11.55 -30.81 -17.45
CA MET C 62 10.23 -30.87 -16.87
C MET C 62 9.29 -31.68 -17.76
N ILE C 63 9.35 -31.49 -19.07
CA ILE C 63 8.56 -32.29 -19.98
C ILE C 63 8.95 -33.74 -19.88
N ASN C 64 10.22 -34.02 -19.63
CA ASN C 64 10.56 -35.43 -19.51
C ASN C 64 10.23 -35.99 -18.14
N TRP C 65 10.27 -35.15 -17.11
CA TRP C 65 9.71 -35.53 -15.86
C TRP C 65 8.22 -35.78 -15.97
N ALA C 66 7.48 -34.86 -16.58
CA ALA C 66 6.03 -35.01 -16.73
C ALA C 66 5.64 -36.33 -17.35
N LYS C 67 6.24 -36.68 -18.48
CA LYS C 67 5.95 -37.95 -19.14
C LYS C 67 6.15 -39.14 -18.18
N ARG C 68 6.90 -38.93 -17.10
CA ARG C 68 7.15 -40.04 -16.18
C ARG C 68 6.19 -40.06 -14.96
N VAL C 69 5.39 -39.00 -14.80
CA VAL C 69 4.38 -38.96 -13.74
C VAL C 69 3.28 -39.95 -14.05
N PRO C 70 3.05 -40.93 -13.15
CA PRO C 70 2.07 -42.01 -13.43
C PRO C 70 0.70 -41.43 -13.73
N GLY C 71 0.08 -41.92 -14.81
CA GLY C 71 -1.22 -41.43 -15.22
C GLY C 71 -1.09 -40.47 -16.39
N PHE C 72 0.00 -39.71 -16.42
CA PHE C 72 0.12 -38.57 -17.31
C PHE C 72 0.13 -38.89 -18.81
N VAL C 73 0.75 -39.99 -19.20
CA VAL C 73 0.80 -40.29 -20.64
C VAL C 73 -0.50 -40.92 -21.12
N ASP C 74 -1.31 -41.43 -20.18
CA ASP C 74 -2.65 -41.91 -20.50
C ASP C 74 -3.58 -40.80 -20.97
N LEU C 75 -3.18 -39.55 -20.75
CA LEU C 75 -3.96 -38.44 -21.26
C LEU C 75 -3.67 -38.26 -22.76
N THR C 76 -4.55 -37.55 -23.45
CA THR C 76 -4.31 -37.20 -24.84
C THR C 76 -3.15 -36.17 -24.83
N ARG C 77 -2.42 -36.07 -25.93
CA ARG C 77 -1.37 -35.06 -26.05
C ARG C 77 -1.87 -33.66 -25.80
N HIS C 78 -3.05 -33.35 -26.29
CA HIS C 78 -3.59 -32.00 -26.11
C HIS C 78 -3.85 -31.72 -24.62
N ASP C 79 -4.15 -32.77 -23.88
CA ASP C 79 -4.42 -32.62 -22.46
C ASP C 79 -3.15 -32.49 -21.69
N GLN C 80 -2.16 -33.28 -22.07
CA GLN C 80 -0.86 -33.18 -21.44
C GLN C 80 -0.39 -31.75 -21.56
N VAL C 81 -0.58 -31.17 -22.74
CA VAL C 81 -0.01 -29.86 -23.02
C VAL C 81 -0.62 -28.77 -22.17
N HIS C 82 -1.91 -28.93 -21.91
CA HIS C 82 -2.70 -27.92 -21.20
C HIS C 82 -2.33 -27.97 -19.73
N LEU C 83 -2.15 -29.18 -19.19
CA LEU C 83 -1.64 -29.33 -17.85
C LEU C 83 -0.30 -28.64 -17.68
N LEU C 84 0.61 -28.91 -18.60
CA LEU C 84 1.92 -28.28 -18.53
C LEU C 84 1.86 -26.78 -18.67
N GLU C 85 0.99 -26.33 -19.56
CA GLU C 85 0.89 -24.92 -19.87
C GLU C 85 0.46 -24.16 -18.61
N CYS C 86 -0.49 -24.76 -17.91
CA CYS C 86 -1.06 -24.22 -16.66
C CYS C 86 -0.11 -24.34 -15.44
N ALA C 87 0.68 -25.43 -15.37
CA ALA C 87 1.50 -25.72 -14.17
C ALA C 87 2.96 -25.27 -14.25
N TRP C 88 3.46 -24.99 -15.44
CA TRP C 88 4.92 -24.85 -15.65
C TRP C 88 5.62 -23.90 -14.65
N LEU C 89 5.06 -22.72 -14.41
CA LEU C 89 5.72 -21.81 -13.48
C LEU C 89 5.63 -22.30 -12.04
N GLU C 90 4.49 -22.88 -11.67
CA GLU C 90 4.33 -23.38 -10.33
C GLU C 90 5.31 -24.52 -10.09
N ILE C 91 5.63 -25.24 -11.14
CA ILE C 91 6.54 -26.36 -10.97
C ILE C 91 7.97 -25.87 -10.79
N LEU C 92 8.39 -24.93 -11.62
CA LEU C 92 9.65 -24.25 -11.40
C LEU C 92 9.70 -23.74 -9.97
N MET C 93 8.70 -22.93 -9.63
CA MET C 93 8.68 -22.28 -8.33
C MET C 93 8.74 -23.28 -7.20
N ILE C 94 8.04 -24.38 -7.31
CA ILE C 94 8.09 -25.28 -6.18
C ILE C 94 9.46 -25.95 -6.05
N GLY C 95 10.09 -26.22 -7.19
CA GLY C 95 11.43 -26.78 -7.15
C GLY C 95 12.37 -25.83 -6.45
N LEU C 96 12.18 -24.56 -6.74
CA LEU C 96 12.99 -23.51 -6.16
C LEU C 96 12.86 -23.47 -4.65
N VAL C 97 11.63 -23.58 -4.15
CA VAL C 97 11.35 -23.49 -2.74
C VAL C 97 11.94 -24.70 -1.98
N TRP C 98 11.81 -25.87 -2.59
CA TRP C 98 12.43 -27.10 -2.07
C TRP C 98 13.96 -26.98 -2.05
N ARG C 99 14.55 -26.40 -3.10
CA ARG C 99 16.02 -26.24 -3.14
C ARG C 99 16.52 -25.32 -2.06
N SER C 100 15.72 -24.31 -1.73
CA SER C 100 16.15 -23.26 -0.82
C SER C 100 15.83 -23.61 0.61
N MET C 101 15.22 -24.77 0.81
CA MET C 101 14.65 -25.09 2.11
C MET C 101 15.68 -24.96 3.21
N GLU C 102 16.88 -25.44 2.91
CA GLU C 102 17.96 -25.47 3.87
C GLU C 102 18.85 -24.22 3.77
N HIS C 103 18.33 -23.15 3.19
CA HIS C 103 19.07 -21.90 3.12
C HIS C 103 18.19 -20.73 3.52
N PRO C 104 17.89 -20.61 4.82
CA PRO C 104 16.92 -19.60 5.25
C PRO C 104 17.42 -18.21 4.89
N GLY C 105 16.56 -17.39 4.31
CA GLY C 105 16.96 -16.07 3.89
C GLY C 105 17.44 -15.99 2.45
N LYS C 106 17.51 -17.13 1.79
CA LYS C 106 18.08 -17.14 0.45
C LYS C 106 17.29 -18.02 -0.50
N LEU C 107 17.27 -17.63 -1.77
CA LEU C 107 16.76 -18.52 -2.80
C LEU C 107 17.88 -19.14 -3.62
N LEU C 108 17.94 -20.46 -3.55
CA LEU C 108 18.89 -21.24 -4.33
C LEU C 108 18.32 -21.53 -5.71
N PHE C 109 18.45 -20.54 -6.58
CA PHE C 109 18.09 -20.65 -7.98
C PHE C 109 18.89 -21.78 -8.62
N ALA C 110 20.20 -21.77 -8.37
CA ALA C 110 21.09 -22.86 -8.78
C ALA C 110 22.23 -22.93 -7.79
N PRO C 111 23.00 -24.03 -7.82
CA PRO C 111 24.09 -24.13 -6.83
C PRO C 111 25.06 -22.95 -6.89
N ASN C 112 25.23 -22.37 -8.06
CA ASN C 112 26.08 -21.20 -8.25
C ASN C 112 25.29 -19.91 -8.42
N LEU C 113 24.08 -19.89 -7.88
CA LEU C 113 23.25 -18.70 -7.95
C LEU C 113 22.28 -18.74 -6.78
N LEU C 114 22.78 -18.40 -5.60
CA LEU C 114 22.02 -18.41 -4.37
C LEU C 114 21.77 -16.99 -3.86
N LEU C 115 20.55 -16.49 -4.00
CA LEU C 115 20.28 -15.05 -3.79
C LEU C 115 19.63 -14.67 -2.44
N ASP C 116 19.96 -13.48 -1.93
CA ASP C 116 19.32 -12.99 -0.71
C ASP C 116 18.28 -11.93 -1.08
N ARG C 117 17.51 -11.49 -0.10
CA ARG C 117 16.39 -10.60 -0.36
C ARG C 117 16.77 -9.27 -1.01
N ASN C 118 17.96 -8.78 -0.66
CA ASN C 118 18.45 -7.49 -1.13
C ASN C 118 19.01 -7.50 -2.55
N GLN C 119 19.63 -8.60 -2.95
CA GLN C 119 19.97 -8.77 -4.35
C GLN C 119 18.66 -8.93 -5.09
N GLY C 120 17.59 -9.19 -4.33
CA GLY C 120 16.26 -9.29 -4.89
C GLY C 120 15.65 -7.90 -5.09
N GLU C 124 15.17 -6.29 -8.51
CA GLU C 124 14.62 -5.00 -8.94
C GLU C 124 13.12 -5.05 -8.63
N GLY C 125 12.26 -5.34 -9.60
CA GLY C 125 10.87 -5.63 -9.28
C GLY C 125 10.83 -7.00 -8.60
N MET C 126 9.64 -7.57 -8.45
CA MET C 126 9.48 -8.93 -7.95
C MET C 126 10.18 -9.24 -6.62
N VAL C 127 10.28 -8.22 -5.75
CA VAL C 127 10.70 -8.43 -4.36
C VAL C 127 9.52 -8.98 -3.59
N GLU C 128 8.32 -8.80 -4.16
CA GLU C 128 7.13 -9.31 -3.50
C GLU C 128 7.15 -10.82 -3.71
N ILE C 129 7.42 -11.22 -4.93
CA ILE C 129 7.41 -12.63 -5.27
C ILE C 129 8.54 -13.33 -4.56
N PHE C 130 9.68 -12.66 -4.54
CA PHE C 130 10.86 -13.13 -3.83
C PHE C 130 10.54 -13.43 -2.37
N ASP C 131 9.90 -12.47 -1.70
CA ASP C 131 9.50 -12.63 -0.31
C ASP C 131 8.58 -13.82 -0.10
N MET C 132 7.55 -13.91 -0.94
CA MET C 132 6.63 -15.02 -0.88
C MET C 132 7.35 -16.36 -1.08
N LEU C 133 8.24 -16.42 -2.06
CA LEU C 133 9.05 -17.59 -2.26
C LEU C 133 9.75 -17.96 -0.97
N LEU C 134 10.46 -17.00 -0.39
CA LEU C 134 11.11 -17.20 0.91
C LEU C 134 10.14 -17.73 1.97
N ALA C 135 8.96 -17.12 2.08
CA ALA C 135 8.00 -17.52 3.11
C ALA C 135 7.56 -18.96 2.93
N THR C 136 7.41 -19.38 1.68
CA THR C 136 7.05 -20.75 1.38
C THR C 136 8.16 -21.72 1.77
N SER C 137 9.40 -21.38 1.42
CA SER C 137 10.51 -22.22 1.76
C SER C 137 10.57 -22.44 3.25
N SER C 138 10.38 -21.36 3.99
CA SER C 138 10.47 -21.38 5.44
C SER C 138 9.32 -22.16 6.03
N ARG C 139 8.18 -22.10 5.34
CA ARG C 139 7.05 -22.90 5.72
C ARG C 139 7.41 -24.36 5.57
N PHE C 140 8.03 -24.68 4.43
CA PHE C 140 8.51 -26.02 4.17
C PHE C 140 9.43 -26.46 5.33
N ARG C 141 10.42 -25.63 5.62
CA ARG C 141 11.40 -25.95 6.67
C ARG C 141 10.76 -26.22 8.06
N MET C 142 9.82 -25.37 8.51
CA MET C 142 9.22 -25.61 9.81
C MET C 142 8.36 -26.89 9.77
N MET C 143 7.96 -27.33 8.57
CA MET C 143 7.12 -28.51 8.44
C MET C 143 7.92 -29.79 8.35
N ASN C 144 9.25 -29.70 8.30
CA ASN C 144 10.08 -30.85 8.03
C ASN C 144 9.60 -31.57 6.75
N LEU C 145 9.22 -30.81 5.73
CA LEU C 145 8.75 -31.42 4.48
C LEU C 145 9.78 -32.41 3.95
N GLN C 146 9.30 -33.58 3.57
CA GLN C 146 10.15 -34.70 3.17
C GLN C 146 10.25 -34.81 1.65
N GLY C 147 11.40 -35.24 1.14
CA GLY C 147 11.59 -35.41 -0.28
C GLY C 147 10.47 -36.19 -0.94
N GLU C 148 9.97 -37.19 -0.24
CA GLU C 148 8.95 -38.05 -0.81
C GLU C 148 7.62 -37.33 -0.88
N GLU C 149 7.39 -36.50 0.13
CA GLU C 149 6.16 -35.72 0.18
C GLU C 149 6.28 -34.70 -0.91
N PHE C 150 7.45 -34.11 -1.02
CA PHE C 150 7.70 -33.11 -2.04
C PHE C 150 7.34 -33.57 -3.45
N VAL C 151 7.80 -34.75 -3.85
CA VAL C 151 7.62 -35.16 -5.24
C VAL C 151 6.13 -35.40 -5.49
N CYS C 152 5.42 -35.75 -4.42
CA CYS C 152 3.97 -35.99 -4.49
C CYS C 152 3.19 -34.70 -4.75
N LEU C 153 3.65 -33.62 -4.12
CA LEU C 153 3.03 -32.30 -4.29
C LEU C 153 3.29 -31.77 -5.67
N LYS C 154 4.53 -31.92 -6.12
CA LYS C 154 4.86 -31.51 -7.47
C LYS C 154 3.92 -32.10 -8.52
N SER C 155 3.75 -33.42 -8.47
CA SER C 155 2.83 -34.14 -9.34
C SER C 155 1.38 -33.69 -9.20
N ILE C 156 0.97 -33.41 -7.96
CA ILE C 156 -0.39 -32.93 -7.67
C ILE C 156 -0.63 -31.66 -8.47
N ILE C 157 0.37 -30.80 -8.53
CA ILE C 157 0.28 -29.51 -9.23
C ILE C 157 0.18 -29.70 -10.73
N LEU C 158 0.92 -30.67 -11.25
CA LEU C 158 0.92 -30.90 -12.67
C LEU C 158 -0.51 -31.24 -13.08
N LEU C 159 -1.16 -32.08 -12.28
CA LEU C 159 -2.44 -32.68 -12.63
C LEU C 159 -3.62 -31.83 -12.22
N ASN C 160 -3.47 -31.05 -11.14
CA ASN C 160 -4.53 -30.17 -10.63
C ASN C 160 -4.63 -28.78 -11.27
N SER C 161 -3.55 -28.22 -11.77
CA SER C 161 -3.65 -26.79 -12.03
C SER C 161 -4.47 -26.51 -13.27
N GLY C 162 -4.51 -27.47 -14.18
CA GLY C 162 -5.21 -27.27 -15.43
C GLY C 162 -6.45 -28.12 -15.63
N VAL C 163 -6.85 -28.92 -14.64
CA VAL C 163 -7.90 -29.90 -14.86
C VAL C 163 -9.29 -29.31 -14.92
N TYR C 164 -9.49 -28.14 -14.31
CA TYR C 164 -10.82 -27.56 -14.30
C TYR C 164 -11.09 -26.84 -15.61
N THR C 165 -10.05 -26.61 -16.40
CA THR C 165 -10.24 -25.95 -17.68
C THR C 165 -9.90 -26.84 -18.87
N PHE C 166 -10.48 -28.04 -18.94
CA PHE C 166 -10.30 -28.84 -20.14
C PHE C 166 -11.24 -28.42 -21.23
N LEU C 167 -12.53 -28.31 -20.90
CA LEU C 167 -13.61 -27.98 -21.84
C LEU C 167 -14.73 -29.04 -21.87
N SER C 168 -14.70 -29.99 -20.94
CA SER C 168 -15.69 -31.08 -20.95
C SER C 168 -16.17 -31.39 -22.38
N SER C 169 -17.43 -31.07 -22.68
CA SER C 169 -17.99 -31.37 -23.99
C SER C 169 -17.88 -32.87 -24.34
N THR C 170 -16.97 -33.24 -25.23
CA THR C 170 -16.88 -34.61 -25.72
C THR C 170 -16.87 -35.67 -24.62
N LEU C 171 -17.09 -36.94 -24.97
CA LEU C 171 -16.96 -38.00 -23.98
C LEU C 171 -15.52 -38.16 -23.49
N LYS C 172 -14.55 -37.96 -24.39
CA LYS C 172 -13.13 -38.17 -24.06
C LYS C 172 -12.66 -37.24 -22.96
N SER C 173 -13.00 -35.97 -23.10
CA SER C 173 -12.56 -34.96 -22.15
C SER C 173 -13.10 -35.24 -20.75
N LEU C 174 -14.27 -35.85 -20.68
CA LEU C 174 -14.86 -36.31 -19.42
C LEU C 174 -14.13 -37.51 -18.87
N GLU C 175 -13.79 -38.45 -19.74
CA GLU C 175 -13.01 -39.61 -19.33
C GLU C 175 -11.62 -39.14 -18.83
N GLU C 176 -11.05 -38.15 -19.50
CA GLU C 176 -9.75 -37.60 -19.09
C GLU C 176 -9.78 -36.97 -17.72
N LYS C 177 -10.87 -36.24 -17.45
CA LYS C 177 -11.04 -35.62 -16.14
C LYS C 177 -11.19 -36.65 -15.03
N ASP C 178 -11.98 -37.69 -15.26
CA ASP C 178 -12.12 -38.70 -14.20
C ASP C 178 -10.77 -39.27 -13.86
N HIS C 179 -10.04 -39.58 -14.91
CA HIS C 179 -8.79 -40.29 -14.81
C HIS C 179 -7.76 -39.48 -14.02
N ILE C 180 -7.69 -38.19 -14.32
CA ILE C 180 -6.92 -37.28 -13.50
C ILE C 180 -7.33 -37.31 -12.03
N HIS C 181 -8.63 -37.23 -11.77
N HIS C 181 -8.63 -37.24 -11.76
CA HIS C 181 -9.15 -37.26 -10.40
CA HIS C 181 -9.11 -37.24 -10.37
C HIS C 181 -8.76 -38.54 -9.69
C HIS C 181 -8.76 -38.55 -9.68
N ARG C 182 -8.82 -39.64 -10.44
CA ARG C 182 -8.44 -40.93 -9.91
C ARG C 182 -6.96 -40.97 -9.56
N VAL C 183 -6.10 -40.32 -10.34
CA VAL C 183 -4.70 -40.40 -10.06
C VAL C 183 -4.42 -39.58 -8.84
N LEU C 184 -5.02 -38.40 -8.84
CA LEU C 184 -4.91 -37.51 -7.70
C LEU C 184 -5.29 -38.21 -6.40
N ASP C 185 -6.34 -39.02 -6.45
CA ASP C 185 -6.72 -39.77 -5.26
C ASP C 185 -5.61 -40.77 -4.91
N LYS C 186 -4.96 -41.38 -5.90
CA LYS C 186 -3.85 -42.28 -5.58
C LYS C 186 -2.65 -41.51 -5.00
N ILE C 187 -2.48 -40.23 -5.35
CA ILE C 187 -1.41 -39.45 -4.72
C ILE C 187 -1.77 -39.06 -3.30
N THR C 188 -3.07 -38.95 -3.04
CA THR C 188 -3.60 -38.67 -1.72
C THR C 188 -3.33 -39.85 -0.80
N ASP C 189 -3.73 -41.04 -1.25
CA ASP C 189 -3.42 -42.26 -0.52
C ASP C 189 -1.93 -42.40 -0.27
N THR C 190 -1.14 -42.03 -1.27
CA THR C 190 0.31 -42.13 -1.17
C THR C 190 0.82 -41.20 -0.07
N LEU C 191 0.38 -39.94 -0.05
CA LEU C 191 0.84 -39.04 1.01
C LEU C 191 0.49 -39.59 2.38
N ILE C 192 -0.76 -39.99 2.54
CA ILE C 192 -1.19 -40.53 3.80
C ILE C 192 -0.37 -41.73 4.20
N HIS C 193 -0.09 -42.61 3.25
CA HIS C 193 0.71 -43.79 3.55
C HIS C 193 2.08 -43.36 4.06
N LEU C 194 2.70 -42.40 3.40
CA LEU C 194 4.00 -41.93 3.83
C LEU C 194 3.95 -41.42 5.28
N MET C 195 2.83 -40.84 5.67
CA MET C 195 2.75 -40.28 7.02
C MET C 195 2.48 -41.39 8.05
N ALA C 196 1.60 -42.32 7.72
CA ALA C 196 1.27 -43.43 8.61
C ALA C 196 2.51 -44.22 8.90
N LYS C 197 3.38 -44.29 7.89
CA LYS C 197 4.63 -45.04 7.93
C LYS C 197 5.66 -44.27 8.75
N ALA C 198 5.56 -42.94 8.77
CA ALA C 198 6.51 -42.15 9.58
C ALA C 198 6.09 -42.11 11.05
N GLY C 199 4.88 -42.59 11.35
CA GLY C 199 4.43 -42.65 12.73
C GLY C 199 3.33 -41.67 13.12
N LEU C 200 2.93 -40.80 12.21
CA LEU C 200 1.90 -39.84 12.58
C LEU C 200 0.62 -40.60 12.95
N THR C 201 -0.13 -40.03 13.90
CA THR C 201 -1.45 -40.52 14.25
C THR C 201 -2.48 -40.17 13.20
N LEU C 202 -3.55 -40.97 13.11
CA LEU C 202 -4.61 -40.68 12.15
C LEU C 202 -4.92 -39.19 12.07
N GLN C 203 -5.01 -38.54 13.23
CA GLN C 203 -5.31 -37.12 13.29
C GLN C 203 -4.23 -36.30 12.58
N GLN C 204 -2.97 -36.61 12.91
CA GLN C 204 -1.84 -35.85 12.43
C GLN C 204 -1.69 -36.03 10.92
N GLN C 205 -1.99 -37.23 10.45
CA GLN C 205 -2.01 -37.47 9.01
C GLN C 205 -2.91 -36.51 8.29
N HIS C 206 -4.18 -36.43 8.68
CA HIS C 206 -5.06 -35.53 7.94
C HIS C 206 -4.77 -34.05 8.14
N GLN C 207 -4.28 -33.66 9.31
CA GLN C 207 -3.85 -32.27 9.47
C GLN C 207 -2.63 -31.96 8.58
N ARG C 208 -1.73 -32.91 8.41
CA ARG C 208 -0.53 -32.62 7.65
C ARG C 208 -0.84 -32.61 6.18
N LEU C 209 -1.62 -33.57 5.73
CA LEU C 209 -2.12 -33.59 4.36
C LEU C 209 -2.79 -32.24 4.01
N ALA C 210 -3.56 -31.69 4.94
CA ALA C 210 -4.20 -30.39 4.70
C ALA C 210 -3.21 -29.21 4.64
N GLN C 211 -2.20 -29.26 5.50
CA GLN C 211 -1.24 -28.17 5.57
C GLN C 211 -0.49 -28.14 4.25
N LEU C 212 -0.15 -29.33 3.77
CA LEU C 212 0.57 -29.49 2.50
C LEU C 212 -0.21 -28.89 1.32
N LEU C 213 -1.45 -29.31 1.19
CA LEU C 213 -2.28 -28.91 0.05
C LEU C 213 -2.63 -27.43 0.06
N LEU C 214 -2.83 -26.89 1.25
CA LEU C 214 -3.14 -25.47 1.36
C LEU C 214 -1.98 -24.60 0.84
N ILE C 215 -0.75 -25.07 1.07
CA ILE C 215 0.40 -24.38 0.52
C ILE C 215 0.26 -24.23 -1.00
N LEU C 216 -0.33 -25.21 -1.65
CA LEU C 216 -0.53 -25.16 -3.09
C LEU C 216 -1.34 -23.93 -3.52
N SER C 217 -2.26 -23.43 -2.69
CA SER C 217 -2.95 -22.20 -3.05
C SER C 217 -1.93 -21.08 -3.14
N HIS C 218 -0.98 -21.11 -2.22
CA HIS C 218 0.01 -20.06 -2.20
C HIS C 218 0.89 -20.11 -3.42
N ILE C 219 1.24 -21.32 -3.86
CA ILE C 219 2.07 -21.50 -5.06
C ILE C 219 1.32 -20.99 -6.30
N ARG C 220 0.04 -21.36 -6.40
CA ARG C 220 -0.77 -20.85 -7.49
C ARG C 220 -0.68 -19.34 -7.50
N HIS C 221 -0.89 -18.75 -6.32
CA HIS C 221 -0.81 -17.31 -6.15
C HIS C 221 0.49 -16.69 -6.67
N MET C 222 1.62 -17.17 -6.16
CA MET C 222 2.95 -16.80 -6.65
C MET C 222 3.10 -16.99 -8.17
N SER C 223 2.65 -18.12 -8.68
CA SER C 223 2.71 -18.30 -10.14
C SER C 223 1.97 -17.17 -10.86
N ASN C 224 0.71 -16.94 -10.50
CA ASN C 224 -0.04 -15.82 -11.09
C ASN C 224 0.64 -14.44 -10.95
N LYS C 225 1.13 -14.09 -9.76
CA LYS C 225 1.89 -12.86 -9.64
C LYS C 225 3.01 -12.86 -10.66
N GLY C 226 3.70 -13.99 -10.76
CA GLY C 226 4.80 -14.16 -11.69
C GLY C 226 4.44 -13.80 -13.12
N MET C 227 3.40 -14.46 -13.64
CA MET C 227 2.89 -14.17 -14.97
C MET C 227 2.56 -12.70 -15.14
N GLU C 228 1.81 -12.18 -14.17
CA GLU C 228 1.48 -10.76 -14.13
C GLU C 228 2.77 -9.98 -14.36
N HIS C 229 3.82 -10.34 -13.63
CA HIS C 229 5.08 -9.63 -13.73
C HIS C 229 5.77 -9.78 -15.10
N LEU C 230 5.69 -10.96 -15.72
CA LEU C 230 6.24 -11.14 -17.06
C LEU C 230 5.59 -10.19 -18.04
N TYR C 231 4.26 -10.13 -18.02
CA TYR C 231 3.50 -9.28 -18.95
C TYR C 231 3.81 -7.80 -18.78
N SER C 232 4.09 -7.38 -17.57
CA SER C 232 4.36 -5.96 -17.32
C SER C 232 5.86 -5.66 -17.50
N MET C 233 6.65 -6.70 -17.71
CA MET C 233 8.06 -6.54 -18.08
C MET C 233 8.23 -6.54 -19.59
N LYS C 234 7.11 -6.62 -20.31
CA LYS C 234 7.13 -6.84 -21.76
C LYS C 234 7.84 -8.16 -22.07
N CYS C 235 7.88 -9.05 -21.08
CA CYS C 235 8.56 -10.33 -21.23
C CYS C 235 7.62 -11.47 -21.56
N LYS C 236 6.46 -11.13 -22.12
CA LYS C 236 5.47 -12.15 -22.47
C LYS C 236 6.13 -13.35 -23.15
N ASN C 237 7.26 -13.10 -23.83
CA ASN C 237 7.87 -14.08 -24.73
C ASN C 237 8.44 -15.34 -24.11
N VAL C 238 8.83 -15.28 -22.84
CA VAL C 238 9.49 -16.40 -22.19
C VAL C 238 8.51 -17.50 -21.87
N VAL C 239 7.23 -17.23 -22.10
CA VAL C 239 6.22 -18.22 -21.77
C VAL C 239 6.24 -19.37 -22.79
N PRO C 240 6.16 -20.62 -22.31
CA PRO C 240 6.00 -21.69 -23.28
C PRO C 240 4.59 -21.68 -23.83
N SER C 241 4.47 -21.64 -25.16
CA SER C 241 3.15 -21.63 -25.80
C SER C 241 2.60 -23.04 -25.90
N TYR C 242 1.30 -23.15 -26.14
CA TYR C 242 0.68 -24.44 -26.37
C TYR C 242 1.45 -25.22 -27.45
N ASP C 243 1.79 -24.57 -28.55
CA ASP C 243 2.46 -25.27 -29.63
C ASP C 243 3.89 -25.65 -29.28
N LEU C 244 4.66 -24.70 -28.77
CA LEU C 244 5.96 -25.05 -28.18
C LEU C 244 5.90 -26.31 -27.34
N LEU C 245 4.92 -26.37 -26.44
CA LEU C 245 4.79 -27.49 -25.53
C LEU C 245 4.45 -28.77 -26.28
N LEU C 246 3.56 -28.67 -27.25
CA LEU C 246 3.10 -29.80 -28.03
C LEU C 246 4.23 -30.41 -28.85
N GLU C 247 5.13 -29.58 -29.36
CA GLU C 247 6.24 -30.10 -30.16
C GLU C 247 7.23 -30.82 -29.24
N MET C 248 7.51 -30.23 -28.08
CA MET C 248 8.44 -30.85 -27.15
C MET C 248 7.95 -32.19 -26.65
N LEU C 249 6.66 -32.30 -26.36
CA LEU C 249 6.10 -33.57 -25.88
C LEU C 249 6.24 -34.63 -26.93
N ASP C 250 5.87 -34.28 -28.15
CA ASP C 250 5.87 -35.24 -29.24
C ASP C 250 7.24 -35.87 -29.54
N ALA C 251 8.33 -35.11 -29.39
CA ALA C 251 9.70 -35.65 -29.53
C ALA C 251 9.82 -37.04 -28.92
N SER D 10 8.52 49.43 1.35
CA SER D 10 8.45 50.43 2.39
C SER D 10 7.00 50.89 2.59
N LEU D 11 6.33 51.20 1.49
CA LEU D 11 4.88 51.38 1.48
C LEU D 11 4.24 50.24 2.27
N ALA D 12 4.47 49.01 1.81
CA ALA D 12 3.88 47.81 2.42
C ALA D 12 4.22 47.70 3.89
N LEU D 13 5.40 48.17 4.28
CA LEU D 13 5.87 47.99 5.65
C LEU D 13 5.19 48.97 6.58
N SER D 14 4.59 50.00 6.00
CA SER D 14 3.88 50.99 6.76
C SER D 14 2.40 50.70 6.93
N LEU D 15 1.85 49.70 6.23
CA LEU D 15 0.41 49.51 6.20
C LEU D 15 -0.13 49.15 7.59
N THR D 16 -1.39 49.36 7.89
CA THR D 16 -1.83 48.75 9.15
C THR D 16 -2.36 47.38 8.86
N ALA D 17 -2.75 46.63 9.88
CA ALA D 17 -3.45 45.37 9.75
C ALA D 17 -4.72 45.48 8.90
N ASP D 18 -5.45 46.57 9.09
CA ASP D 18 -6.71 46.81 8.39
C ASP D 18 -6.48 47.21 6.95
N GLN D 19 -5.44 48.01 6.69
CA GLN D 19 -5.10 48.40 5.32
C GLN D 19 -4.62 47.22 4.51
N MET D 20 -3.89 46.32 5.17
CA MET D 20 -3.34 45.11 4.54
C MET D 20 -4.48 44.26 4.08
N VAL D 21 -5.43 44.03 4.98
CA VAL D 21 -6.56 43.20 4.66
C VAL D 21 -7.36 43.83 3.54
N SER D 22 -7.57 45.13 3.65
CA SER D 22 -8.33 45.82 2.65
C SER D 22 -7.65 45.76 1.29
N ALA D 23 -6.32 45.90 1.28
CA ALA D 23 -5.56 45.72 0.04
C ALA D 23 -5.79 44.31 -0.50
N LEU D 24 -5.72 43.32 0.39
CA LEU D 24 -5.87 41.95 -0.03
C LEU D 24 -7.27 41.56 -0.54
N LEU D 25 -8.31 42.10 0.07
CA LEU D 25 -9.66 41.74 -0.39
C LEU D 25 -9.89 42.37 -1.77
N ASP D 26 -9.54 43.65 -1.90
CA ASP D 26 -9.64 44.35 -3.19
C ASP D 26 -8.93 43.59 -4.30
N ALA D 27 -7.85 42.88 -3.98
CA ALA D 27 -7.07 42.23 -5.04
C ALA D 27 -7.56 40.85 -5.44
N GLU D 28 -8.52 40.27 -4.71
CA GLU D 28 -9.02 38.93 -5.01
C GLU D 28 -9.45 38.76 -6.48
N PRO D 29 -9.04 37.61 -7.09
CA PRO D 29 -9.53 37.30 -8.44
C PRO D 29 -11.00 36.95 -8.37
N PRO D 30 -11.71 37.10 -9.49
CA PRO D 30 -13.09 36.58 -9.52
C PRO D 30 -13.06 35.05 -9.50
N ILE D 31 -14.18 34.39 -9.22
CA ILE D 31 -14.31 32.95 -9.38
C ILE D 31 -14.76 32.68 -10.81
N LEU D 32 -13.97 31.95 -11.60
CA LEU D 32 -14.32 31.70 -13.01
C LEU D 32 -15.20 30.46 -13.18
N TYR D 33 -15.93 30.41 -14.31
CA TYR D 33 -16.67 29.19 -14.63
C TYR D 33 -15.88 28.25 -15.51
N SER D 34 -16.10 26.97 -15.29
CA SER D 34 -15.52 25.99 -16.16
C SER D 34 -16.28 26.08 -17.48
N GLU D 35 -15.53 26.29 -18.56
CA GLU D 35 -16.16 26.35 -19.88
C GLU D 35 -15.97 25.04 -20.62
N TYR D 36 -16.68 24.09 -20.03
CA TYR D 36 -17.81 23.44 -20.64
C TYR D 36 -18.32 22.40 -19.64
N SER D 46 -10.47 13.76 -19.59
CA SER D 46 -11.24 14.98 -19.76
C SER D 46 -11.12 15.84 -18.53
N MET D 47 -11.07 15.21 -17.36
CA MET D 47 -10.79 15.93 -16.14
C MET D 47 -9.59 16.86 -16.34
N MET D 48 -8.49 16.32 -16.87
CA MET D 48 -7.33 17.15 -17.14
C MET D 48 -7.72 18.27 -18.09
N GLY D 49 -8.68 17.99 -18.97
CA GLY D 49 -9.11 18.97 -19.94
C GLY D 49 -9.66 20.17 -19.22
N LEU D 50 -10.53 19.90 -18.26
CA LEU D 50 -11.25 20.95 -17.58
C LEU D 50 -10.35 21.76 -16.67
N LEU D 51 -9.45 21.10 -15.96
CA LEU D 51 -8.53 21.82 -15.10
C LEU D 51 -7.63 22.72 -15.93
N THR D 52 -7.17 22.21 -17.05
CA THR D 52 -6.30 22.97 -17.95
C THR D 52 -7.00 24.22 -18.49
N ASN D 53 -8.24 24.07 -18.93
CA ASN D 53 -9.02 25.21 -19.37
C ASN D 53 -9.20 26.25 -18.27
N LEU D 54 -9.55 25.78 -17.07
CA LEU D 54 -9.72 26.67 -15.91
C LEU D 54 -8.43 27.30 -15.45
N ALA D 55 -7.40 26.50 -15.21
CA ALA D 55 -6.17 27.07 -14.69
C ALA D 55 -5.56 28.12 -15.64
N ASP D 56 -5.62 27.84 -16.94
CA ASP D 56 -5.06 28.75 -17.94
C ASP D 56 -5.70 30.13 -17.82
N ARG D 57 -7.01 30.15 -17.61
CA ARG D 57 -7.70 31.41 -17.43
C ARG D 57 -7.45 31.99 -16.04
N GLU D 58 -7.33 31.14 -15.03
CA GLU D 58 -7.09 31.65 -13.70
C GLU D 58 -5.73 32.31 -13.55
N LEU D 59 -4.73 31.80 -14.26
CA LEU D 59 -3.34 32.21 -14.09
C LEU D 59 -3.17 33.67 -14.44
N VAL D 60 -3.83 34.08 -15.51
CA VAL D 60 -3.88 35.46 -15.93
C VAL D 60 -4.31 36.37 -14.77
N HIS D 61 -5.36 35.96 -14.06
CA HIS D 61 -5.86 36.68 -12.90
C HIS D 61 -4.92 36.62 -11.70
N MET D 62 -4.26 35.48 -11.53
CA MET D 62 -3.36 35.28 -10.42
C MET D 62 -2.17 36.24 -10.54
N ILE D 63 -1.62 36.39 -11.74
CA ILE D 63 -0.54 37.36 -11.98
C ILE D 63 -1.02 38.76 -11.65
N ASN D 64 -2.29 39.05 -11.91
CA ASN D 64 -2.74 40.39 -11.59
C ASN D 64 -3.11 40.53 -10.15
N TRP D 65 -3.51 39.43 -9.52
CA TRP D 65 -3.61 39.43 -8.09
C TRP D 65 -2.23 39.60 -7.42
N ALA D 66 -1.23 38.86 -7.90
CA ALA D 66 0.12 38.94 -7.33
C ALA D 66 0.67 40.37 -7.34
N LYS D 67 0.57 41.04 -8.48
CA LYS D 67 1.05 42.42 -8.58
C LYS D 67 0.38 43.32 -7.55
N ARG D 68 -0.74 42.89 -7.00
CA ARG D 68 -1.44 43.70 -6.01
C ARG D 68 -1.13 43.32 -4.55
N VAL D 69 -0.44 42.21 -4.34
CA VAL D 69 -0.01 41.82 -3.00
C VAL D 69 1.05 42.78 -2.50
N PRO D 70 0.82 43.46 -1.37
CA PRO D 70 1.75 44.48 -0.87
C PRO D 70 3.15 43.92 -0.71
N GLY D 71 4.13 44.66 -1.18
CA GLY D 71 5.52 44.24 -1.11
C GLY D 71 5.98 43.63 -2.44
N PHE D 72 5.05 42.95 -3.11
CA PHE D 72 5.43 42.10 -4.22
C PHE D 72 6.07 42.80 -5.42
N VAL D 73 5.61 44.01 -5.76
CA VAL D 73 6.21 44.68 -6.93
C VAL D 73 7.54 45.33 -6.61
N ASP D 74 7.83 45.51 -5.31
CA ASP D 74 9.12 45.99 -4.85
C ASP D 74 10.22 44.97 -5.13
N LEU D 75 9.84 43.73 -5.42
CA LEU D 75 10.84 42.74 -5.82
C LEU D 75 11.25 42.99 -7.25
N THR D 76 12.39 42.44 -7.65
CA THR D 76 12.81 42.49 -9.04
C THR D 76 11.84 41.60 -9.83
N ARG D 77 11.70 41.83 -11.13
CA ARG D 77 10.87 40.96 -11.97
C ARG D 77 11.29 39.50 -11.95
N HIS D 78 12.59 39.26 -11.85
CA HIS D 78 13.08 37.88 -11.81
C HIS D 78 12.62 37.22 -10.53
N ASP D 79 12.56 37.99 -9.44
CA ASP D 79 12.16 37.44 -8.17
C ASP D 79 10.67 37.19 -8.15
N GLN D 80 9.91 38.13 -8.67
CA GLN D 80 8.48 37.96 -8.75
C GLN D 80 8.21 36.64 -9.46
N VAL D 81 8.92 36.40 -10.55
CA VAL D 81 8.62 35.24 -11.39
C VAL D 81 8.86 33.94 -10.67
N HIS D 82 9.89 33.94 -9.85
CA HIS D 82 10.31 32.75 -9.13
C HIS D 82 9.31 32.42 -8.05
N LEU D 83 8.83 33.44 -7.35
CA LEU D 83 7.75 33.25 -6.39
C LEU D 83 6.52 32.66 -7.01
N LEU D 84 6.13 33.19 -8.16
CA LEU D 84 4.97 32.66 -8.84
C LEU D 84 5.18 31.26 -9.35
N GLU D 85 6.41 30.98 -9.79
CA GLU D 85 6.71 29.72 -10.39
C GLU D 85 6.58 28.64 -9.32
N CYS D 86 7.10 28.94 -8.13
CA CYS D 86 7.05 28.05 -6.96
C CYS D 86 5.65 27.92 -6.32
N ALA D 87 4.86 28.99 -6.33
CA ALA D 87 3.56 29.03 -5.61
C ALA D 87 2.32 28.69 -6.43
N TRP D 88 2.41 28.78 -7.75
CA TRP D 88 1.24 28.78 -8.61
C TRP D 88 0.21 27.67 -8.32
N LEU D 89 0.67 26.42 -8.18
CA LEU D 89 -0.29 25.34 -7.95
C LEU D 89 -0.85 25.43 -6.53
N GLU D 90 -0.04 25.83 -5.56
CA GLU D 90 -0.54 25.95 -4.20
C GLU D 90 -1.60 27.02 -4.14
N ILE D 91 -1.46 28.02 -5.00
CA ILE D 91 -2.42 29.10 -4.95
C ILE D 91 -3.74 28.70 -5.55
N LEU D 92 -3.68 28.03 -6.69
CA LEU D 92 -4.87 27.41 -7.25
C LEU D 92 -5.52 26.54 -6.17
N MET D 93 -4.74 25.60 -5.66
CA MET D 93 -5.27 24.64 -4.72
C MET D 93 -5.88 25.31 -3.52
N ILE D 94 -5.26 26.35 -2.97
CA ILE D 94 -5.86 26.92 -1.80
C ILE D 94 -7.18 27.62 -2.14
N GLY D 95 -7.27 28.21 -3.32
CA GLY D 95 -8.50 28.84 -3.74
C GLY D 95 -9.60 27.81 -3.83
N LEU D 96 -9.22 26.63 -4.31
CA LEU D 96 -10.15 25.51 -4.45
C LEU D 96 -10.71 25.07 -3.11
N VAL D 97 -9.83 24.94 -2.12
CA VAL D 97 -10.19 24.48 -0.77
C VAL D 97 -11.11 25.49 -0.10
N TRP D 98 -10.81 26.76 -0.27
CA TRP D 98 -11.65 27.85 0.24
C TRP D 98 -13.03 27.84 -0.46
N ARG D 99 -13.05 27.57 -1.76
CA ARG D 99 -14.33 27.53 -2.51
C ARG D 99 -15.21 26.39 -2.04
N SER D 100 -14.58 25.29 -1.67
CA SER D 100 -15.33 24.07 -1.37
C SER D 100 -15.69 24.01 0.09
N MET D 101 -15.31 25.04 0.85
CA MET D 101 -15.40 24.97 2.29
C MET D 101 -16.80 24.61 2.72
N GLU D 102 -17.76 25.25 2.04
CA GLU D 102 -19.16 25.11 2.38
C GLU D 102 -19.84 23.96 1.62
N HIS D 103 -19.06 23.05 1.05
CA HIS D 103 -19.63 21.93 0.33
C HIS D 103 -18.94 20.64 0.75
N PRO D 104 -19.25 20.15 1.96
CA PRO D 104 -18.50 19.02 2.49
C PRO D 104 -18.69 17.79 1.61
N GLY D 105 -17.60 17.13 1.24
CA GLY D 105 -17.67 15.97 0.37
C GLY D 105 -17.48 16.30 -1.10
N LYS D 106 -17.33 17.58 -1.40
CA LYS D 106 -17.24 18.01 -2.79
C LYS D 106 -16.17 19.05 -3.02
N LEU D 107 -15.56 19.00 -4.19
CA LEU D 107 -14.68 20.08 -4.60
C LEU D 107 -15.36 20.98 -5.63
N LEU D 108 -15.52 22.23 -5.25
CA LEU D 108 -16.07 23.26 -6.12
C LEU D 108 -14.97 23.87 -6.98
N PHE D 109 -14.64 23.15 -8.04
CA PHE D 109 -13.71 23.59 -9.07
C PHE D 109 -14.20 24.90 -9.69
N ALA D 110 -15.49 24.92 -10.06
CA ALA D 110 -16.16 26.13 -10.52
C ALA D 110 -17.63 26.02 -10.12
N PRO D 111 -18.36 27.13 -10.20
CA PRO D 111 -19.78 27.05 -9.80
C PRO D 111 -20.55 25.99 -10.59
N ASN D 112 -20.12 25.76 -11.83
CA ASN D 112 -20.73 24.74 -12.70
C ASN D 112 -19.87 23.49 -12.83
N LEU D 113 -19.04 23.24 -11.83
CA LEU D 113 -18.18 22.06 -11.84
C LEU D 113 -17.85 21.73 -10.40
N LEU D 114 -18.80 21.09 -9.71
CA LEU D 114 -18.68 20.76 -8.30
C LEU D 114 -18.59 19.23 -8.14
N LEU D 115 -17.39 18.71 -7.88
CA LEU D 115 -17.18 17.25 -7.95
C LEU D 115 -17.16 16.47 -6.62
N ASP D 116 -17.61 15.23 -6.65
CA ASP D 116 -17.58 14.39 -5.44
C ASP D 116 -16.43 13.38 -5.57
N ARG D 117 -16.14 12.65 -4.50
CA ARG D 117 -14.97 11.79 -4.46
C ARG D 117 -14.95 10.71 -5.54
N ASN D 118 -16.13 10.24 -5.91
CA ASN D 118 -16.27 9.15 -6.87
C ASN D 118 -16.14 9.58 -8.33
N GLN D 119 -16.59 10.78 -8.64
CA GLN D 119 -16.27 11.34 -9.95
C GLN D 119 -14.77 11.61 -9.95
N GLY D 120 -14.19 11.57 -8.76
CA GLY D 120 -12.75 11.73 -8.61
C GLY D 120 -12.04 10.41 -8.88
N GLU D 124 -10.11 9.46 -11.87
CA GLU D 124 -9.19 8.51 -12.48
C GLU D 124 -7.99 8.42 -11.54
N GLY D 125 -6.81 8.92 -11.93
CA GLY D 125 -5.73 9.03 -10.96
C GLY D 125 -6.09 10.17 -9.99
N MET D 126 -5.11 10.60 -9.18
CA MET D 126 -5.31 11.76 -8.30
C MET D 126 -6.55 11.72 -7.42
N VAL D 127 -6.94 10.52 -6.98
CA VAL D 127 -7.97 10.39 -5.92
C VAL D 127 -7.32 10.65 -4.59
N GLU D 128 -5.99 10.53 -4.56
CA GLU D 128 -5.23 10.77 -3.36
C GLU D 128 -5.26 12.27 -3.13
N ILE D 129 -4.95 13.00 -4.18
CA ILE D 129 -4.88 14.46 -4.07
C ILE D 129 -6.26 15.02 -3.81
N PHE D 130 -7.24 14.45 -4.49
CA PHE D 130 -8.63 14.79 -4.29
C PHE D 130 -9.00 14.67 -2.80
N ASP D 131 -8.70 13.52 -2.20
CA ASP D 131 -8.99 13.28 -0.79
C ASP D 131 -8.35 14.32 0.10
N MET D 132 -7.06 14.54 -0.13
CA MET D 132 -6.31 15.54 0.63
C MET D 132 -6.93 16.93 0.49
N LEU D 133 -7.29 17.28 -0.74
CA LEU D 133 -7.99 18.54 -0.95
C LEU D 133 -9.22 18.58 -0.05
N LEU D 134 -10.05 17.56 -0.15
CA LEU D 134 -11.21 17.44 0.74
C LEU D 134 -10.87 17.60 2.22
N ALA D 135 -9.81 16.95 2.66
CA ALA D 135 -9.44 16.97 4.09
C ALA D 135 -9.05 18.40 4.52
N THR D 136 -8.40 19.12 3.62
CA THR D 136 -8.02 20.49 3.91
C THR D 136 -9.26 21.39 4.02
N SER D 137 -10.15 21.25 3.04
CA SER D 137 -11.38 22.02 3.06
C SER D 137 -12.11 21.84 4.36
N SER D 138 -12.20 20.59 4.78
CA SER D 138 -12.94 20.23 5.98
C SER D 138 -12.23 20.75 7.21
N ARG D 139 -10.90 20.80 7.13
CA ARG D 139 -10.10 21.41 8.19
C ARG D 139 -10.47 22.88 8.26
N PHE D 140 -10.51 23.54 7.10
CA PHE D 140 -10.92 24.93 7.03
C PHE D 140 -12.27 25.09 7.73
N ARG D 141 -13.24 24.28 7.31
CA ARG D 141 -14.59 24.36 7.85
C ARG D 141 -14.65 24.22 9.39
N MET D 142 -13.97 23.22 9.96
CA MET D 142 -14.04 23.07 11.43
C MET D 142 -13.31 24.23 12.12
N MET D 143 -12.47 24.96 11.40
CA MET D 143 -11.72 26.06 11.98
C MET D 143 -12.46 27.39 11.87
N ASN D 144 -13.62 27.39 11.22
CA ASN D 144 -14.31 28.63 10.93
C ASN D 144 -13.38 29.63 10.24
N LEU D 145 -12.50 29.16 9.35
CA LEU D 145 -11.57 30.04 8.64
C LEU D 145 -12.32 31.20 7.98
N GLN D 146 -11.79 32.40 8.18
CA GLN D 146 -12.45 33.62 7.75
C GLN D 146 -11.86 34.16 6.44
N GLY D 147 -12.71 34.77 5.62
CA GLY D 147 -12.26 35.31 4.35
C GLY D 147 -11.01 36.16 4.47
N GLU D 148 -10.94 36.90 5.57
CA GLU D 148 -9.81 37.82 5.76
C GLU D 148 -8.56 37.06 6.12
N GLU D 149 -8.75 35.98 6.87
CA GLU D 149 -7.63 35.15 7.27
C GLU D 149 -7.17 34.47 5.99
N PHE D 150 -8.16 34.03 5.21
CA PHE D 150 -7.89 33.34 3.96
C PHE D 150 -6.96 34.11 3.04
N VAL D 151 -7.24 35.40 2.83
CA VAL D 151 -6.49 36.15 1.82
C VAL D 151 -5.05 36.34 2.32
N CYS D 152 -4.89 36.35 3.64
CA CYS D 152 -3.59 36.50 4.27
C CYS D 152 -2.71 35.28 4.05
N LEU D 153 -3.34 34.11 4.12
CA LEU D 153 -2.64 32.84 3.94
C LEU D 153 -2.19 32.67 2.49
N LYS D 154 -3.11 33.01 1.59
CA LYS D 154 -2.78 33.01 0.16
C LYS D 154 -1.52 33.79 -0.13
N SER D 155 -1.47 35.04 0.34
CA SER D 155 -0.31 35.92 0.20
C SER D 155 0.96 35.37 0.85
N ILE D 156 0.79 34.74 2.01
CA ILE D 156 1.91 34.11 2.72
C ILE D 156 2.56 33.08 1.79
N ILE D 157 1.70 32.35 1.08
CA ILE D 157 2.17 31.27 0.18
C ILE D 157 2.94 31.85 -1.01
N LEU D 158 2.45 32.97 -1.52
CA LEU D 158 3.09 33.58 -2.65
C LEU D 158 4.54 33.89 -2.29
N LEU D 159 4.72 34.43 -1.09
CA LEU D 159 5.98 35.03 -0.64
C LEU D 159 6.90 34.04 0.01
N ASN D 160 6.33 33.02 0.64
CA ASN D 160 7.10 31.98 1.31
C ASN D 160 7.51 30.78 0.48
N SER D 161 6.85 30.50 -0.65
CA SER D 161 7.14 29.17 -1.21
C SER D 161 8.43 29.15 -1.98
N GLY D 162 8.86 30.32 -2.46
CA GLY D 162 10.06 30.36 -3.25
C GLY D 162 11.19 31.19 -2.65
N VAL D 163 11.04 31.66 -1.41
CA VAL D 163 12.01 32.62 -0.86
C VAL D 163 13.32 31.99 -0.43
N TYR D 164 13.30 30.68 -0.14
CA TYR D 164 14.52 30.04 0.29
C TYR D 164 15.38 29.66 -0.91
N THR D 165 14.79 29.72 -2.11
CA THR D 165 15.57 29.40 -3.30
C THR D 165 15.77 30.60 -4.23
N PHE D 166 16.25 31.72 -3.71
CA PHE D 166 16.58 32.82 -4.60
C PHE D 166 17.95 32.64 -5.23
N LYS D 172 21.70 42.42 -3.93
CA LYS D 172 20.28 42.64 -4.21
C LYS D 172 19.43 41.49 -3.73
N SER D 173 19.88 40.28 -4.01
CA SER D 173 19.11 39.09 -3.67
C SER D 173 18.95 38.94 -2.16
N LEU D 174 19.92 39.44 -1.41
CA LEU D 174 19.87 39.51 0.04
C LEU D 174 18.90 40.59 0.52
N GLU D 175 18.92 41.75 -0.14
CA GLU D 175 17.98 42.81 0.18
C GLU D 175 16.55 42.30 -0.14
N GLU D 176 16.40 41.54 -1.22
CA GLU D 176 15.10 41.00 -1.63
C GLU D 176 14.55 40.05 -0.60
N LYS D 177 15.42 39.19 -0.08
CA LYS D 177 15.04 38.24 0.95
C LYS D 177 14.61 38.93 2.24
N ASP D 178 15.36 39.93 2.70
CA ASP D 178 14.96 40.61 3.94
C ASP D 178 13.57 41.17 3.78
N HIS D 179 13.36 41.78 2.63
CA HIS D 179 12.16 42.52 2.35
C HIS D 179 10.94 41.61 2.33
N ILE D 180 11.09 40.46 1.69
CA ILE D 180 10.07 39.42 1.76
C ILE D 180 9.80 39.01 3.22
N HIS D 181 10.83 38.77 4.03
CA HIS D 181 10.56 38.40 5.42
C HIS D 181 9.84 39.50 6.13
N ARG D 182 10.27 40.73 5.87
CA ARG D 182 9.62 41.86 6.52
C ARG D 182 8.12 41.92 6.18
N VAL D 183 7.75 41.52 4.95
CA VAL D 183 6.36 41.63 4.57
C VAL D 183 5.60 40.54 5.27
N LEU D 184 6.20 39.35 5.27
CA LEU D 184 5.65 38.21 5.93
C LEU D 184 5.38 38.53 7.39
N ASP D 185 6.29 39.25 8.03
CA ASP D 185 6.07 39.65 9.42
C ASP D 185 4.86 40.58 9.51
N LYS D 186 4.68 41.46 8.53
CA LYS D 186 3.50 42.31 8.55
C LYS D 186 2.22 41.51 8.28
N ILE D 187 2.29 40.38 7.59
CA ILE D 187 1.09 39.54 7.42
C ILE D 187 0.82 38.76 8.71
N THR D 188 1.87 38.49 9.46
CA THR D 188 1.74 37.83 10.76
C THR D 188 0.99 38.75 11.73
N ASP D 189 1.50 39.97 11.88
CA ASP D 189 0.84 41.00 12.68
C ASP D 189 -0.61 41.16 12.26
N THR D 190 -0.83 41.14 10.96
CA THR D 190 -2.20 41.26 10.42
C THR D 190 -3.10 40.13 10.91
N LEU D 191 -2.64 38.89 10.80
CA LEU D 191 -3.46 37.78 11.23
C LEU D 191 -3.78 37.92 12.69
N ILE D 192 -2.77 38.17 13.50
CA ILE D 192 -3.00 38.33 14.92
C ILE D 192 -3.98 39.44 15.21
N HIS D 193 -3.85 40.56 14.51
CA HIS D 193 -4.78 41.66 14.70
C HIS D 193 -6.20 41.21 14.43
N LEU D 194 -6.39 40.50 13.33
CA LEU D 194 -7.73 40.02 12.99
C LEU D 194 -8.30 39.13 14.10
N MET D 195 -7.43 38.41 14.79
CA MET D 195 -7.93 37.51 15.83
C MET D 195 -8.22 38.28 17.13
N ALA D 196 -7.33 39.18 17.50
CA ALA D 196 -7.50 39.99 18.70
C ALA D 196 -8.80 40.75 18.59
N LYS D 197 -9.10 41.14 17.36
CA LYS D 197 -10.29 41.93 17.08
C LYS D 197 -11.56 41.05 17.06
N ALA D 198 -11.38 39.77 16.77
CA ALA D 198 -12.54 38.86 16.85
C ALA D 198 -12.82 38.41 18.27
N GLY D 199 -11.91 38.72 19.19
CA GLY D 199 -12.11 38.37 20.58
C GLY D 199 -11.24 37.25 21.13
N LEU D 200 -10.38 36.64 20.32
CA LEU D 200 -9.61 35.54 20.83
C LEU D 200 -8.67 36.07 21.91
N THR D 201 -8.42 35.26 22.93
CA THR D 201 -7.43 35.55 23.96
C THR D 201 -6.01 35.42 23.40
N LEU D 202 -5.08 36.14 24.02
CA LEU D 202 -3.68 36.03 23.60
C LEU D 202 -3.26 34.59 23.27
N GLN D 203 -3.71 33.66 24.11
CA GLN D 203 -3.35 32.25 23.90
C GLN D 203 -3.95 31.72 22.62
N GLN D 204 -5.23 32.01 22.41
CA GLN D 204 -5.97 31.47 21.29
C GLN D 204 -5.46 32.09 19.99
N GLN D 205 -5.01 33.34 20.06
CA GLN D 205 -4.37 33.95 18.91
C GLN D 205 -3.17 33.15 18.43
N HIS D 206 -2.23 32.87 19.32
CA HIS D 206 -1.06 32.15 18.85
C HIS D 206 -1.32 30.68 18.47
N GLN D 207 -2.25 30.03 19.16
CA GLN D 207 -2.62 28.70 18.72
C GLN D 207 -3.26 28.71 17.35
N ARG D 208 -4.08 29.71 17.06
CA ARG D 208 -4.79 29.73 15.78
C ARG D 208 -3.85 30.09 14.66
N LEU D 209 -3.03 31.10 14.90
CA LEU D 209 -1.98 31.44 13.96
C LEU D 209 -1.14 30.20 13.58
N ALA D 210 -0.84 29.35 14.57
CA ALA D 210 -0.08 28.12 14.30
C ALA D 210 -0.87 27.08 13.51
N GLN D 211 -2.15 26.95 13.80
CA GLN D 211 -2.95 25.94 13.14
C GLN D 211 -3.05 26.32 11.65
N LEU D 212 -3.22 27.62 11.41
CA LEU D 212 -3.31 28.17 10.07
C LEU D 212 -2.05 27.86 9.26
N LEU D 213 -0.90 28.23 9.81
CA LEU D 213 0.37 28.06 9.11
C LEU D 213 0.77 26.61 8.86
N LEU D 214 0.45 25.75 9.82
CA LEU D 214 0.75 24.32 9.65
C LEU D 214 -0.01 23.73 8.48
N ILE D 215 -1.24 24.19 8.26
CA ILE D 215 -1.97 23.77 7.08
C ILE D 215 -1.14 24.02 5.81
N LEU D 216 -0.37 25.11 5.82
CA LEU D 216 0.45 25.43 4.66
C LEU D 216 1.45 24.28 4.31
N SER D 217 1.92 23.51 5.28
CA SER D 217 2.77 22.39 4.95
C SER D 217 1.98 21.40 4.14
N HIS D 218 0.72 21.25 4.51
CA HIS D 218 -0.12 20.29 3.81
C HIS D 218 -0.34 20.71 2.36
N ILE D 219 -0.54 22.00 2.14
CA ILE D 219 -0.75 22.54 0.81
C ILE D 219 0.49 22.37 -0.03
N ARG D 220 1.65 22.68 0.54
CA ARG D 220 2.91 22.40 -0.15
C ARG D 220 2.93 20.96 -0.61
N HIS D 221 2.60 20.07 0.32
CA HIS D 221 2.55 18.65 0.05
C HIS D 221 1.67 18.28 -1.13
N MET D 222 0.39 18.66 -1.08
CA MET D 222 -0.53 18.51 -2.19
C MET D 222 -0.01 19.12 -3.51
N SER D 223 0.56 20.32 -3.46
CA SER D 223 1.15 20.87 -4.66
C SER D 223 2.19 19.92 -5.23
N ASN D 224 3.17 19.53 -4.43
CA ASN D 224 4.17 18.55 -4.89
C ASN D 224 3.60 17.24 -5.44
N LYS D 225 2.64 16.64 -4.76
CA LYS D 225 2.00 15.45 -5.34
C LYS D 225 1.47 15.82 -6.72
N GLY D 226 0.80 16.96 -6.79
CA GLY D 226 0.22 17.44 -8.02
C GLY D 226 1.20 17.49 -9.18
N MET D 227 2.31 18.17 -8.98
CA MET D 227 3.37 18.21 -9.99
C MET D 227 3.85 16.83 -10.36
N GLU D 228 4.09 16.02 -9.34
CA GLU D 228 4.47 14.62 -9.53
C GLU D 228 3.48 14.02 -10.53
N HIS D 229 2.19 14.23 -10.27
CA HIS D 229 1.15 13.65 -11.12
C HIS D 229 1.13 14.22 -12.55
N LEU D 230 1.43 15.51 -12.72
CA LEU D 230 1.51 16.08 -14.06
C LEU D 230 2.61 15.38 -14.87
N TYR D 231 3.79 15.24 -14.28
CA TYR D 231 4.92 14.61 -14.98
C TYR D 231 4.67 13.15 -15.36
N SER D 232 3.90 12.45 -14.54
CA SER D 232 3.63 11.04 -14.82
C SER D 232 2.41 10.88 -15.72
N MET D 233 1.71 12.00 -15.97
CA MET D 233 0.64 12.04 -16.95
C MET D 233 1.16 12.44 -18.31
N LYS D 234 2.48 12.66 -18.40
CA LYS D 234 3.08 13.25 -19.59
C LYS D 234 2.52 14.66 -19.82
N CYS D 235 1.99 15.25 -18.76
CA CYS D 235 1.37 16.57 -18.86
C CYS D 235 2.30 17.70 -18.42
N LYS D 236 3.60 17.44 -18.47
CA LYS D 236 4.57 18.44 -18.07
C LYS D 236 4.21 19.81 -18.62
N ASN D 237 3.56 19.81 -19.77
CA ASN D 237 3.35 21.03 -20.57
C ASN D 237 2.42 22.11 -20.01
N VAL D 238 1.55 21.74 -19.06
CA VAL D 238 0.60 22.69 -18.52
C VAL D 238 1.27 23.61 -17.52
N VAL D 239 2.54 23.34 -17.21
CA VAL D 239 3.20 24.14 -16.20
C VAL D 239 3.55 25.52 -16.78
N PRO D 240 3.36 26.59 -15.99
CA PRO D 240 3.86 27.89 -16.45
C PRO D 240 5.37 27.93 -16.31
N SER D 241 6.09 28.21 -17.39
CA SER D 241 7.54 28.27 -17.34
C SER D 241 7.99 29.63 -16.83
N TYR D 242 9.25 29.69 -16.43
CA TYR D 242 9.83 30.95 -16.00
C TYR D 242 9.57 32.03 -17.05
N ASP D 243 9.83 31.75 -18.33
CA ASP D 243 9.63 32.76 -19.36
C ASP D 243 8.17 33.12 -19.59
N LEU D 244 7.31 32.11 -19.74
CA LEU D 244 5.87 32.36 -19.72
C LEU D 244 5.48 33.37 -18.65
N LEU D 245 5.94 33.14 -17.43
CA LEU D 245 5.58 33.97 -16.30
C LEU D 245 6.14 35.37 -16.43
N LEU D 246 7.38 35.46 -16.91
CA LEU D 246 8.06 36.73 -17.07
C LEU D 246 7.40 37.63 -18.12
N GLU D 247 6.84 37.02 -19.15
CA GLU D 247 6.20 37.80 -20.19
C GLU D 247 4.87 38.31 -19.67
N MET D 248 4.15 37.45 -18.97
CA MET D 248 2.87 37.87 -18.42
C MET D 248 2.99 39.01 -17.42
N LEU D 249 4.00 38.93 -16.57
CA LEU D 249 4.20 39.97 -15.55
C LEU D 249 4.48 41.29 -16.24
N ASP D 250 5.37 41.25 -17.21
CA ASP D 250 5.82 42.46 -17.87
C ASP D 250 4.68 43.22 -18.59
N ALA D 251 3.67 42.50 -19.10
CA ALA D 251 2.50 43.14 -19.71
C ALA D 251 1.97 44.37 -18.95
N HIS D 252 1.15 44.18 -17.92
CA HIS D 252 0.55 45.38 -17.37
C HIS D 252 1.65 46.14 -16.61
CAA KN3 E . -15.46 -7.72 -9.92
CAB KN3 E . -16.26 -7.45 -8.82
CAC KN3 E . -17.01 -8.47 -8.26
CAD KN3 E . -16.97 -9.75 -8.81
CAE KN3 E . -16.17 -10.00 -9.91
CAF KN3 E . -15.42 -8.97 -10.49
CAG KN3 E . -17.62 -10.94 -8.55
NAH KN3 E . -17.14 -11.85 -9.39
NAI KN3 E . -16.34 -11.32 -10.17
CAJ KN3 E . -18.45 -11.19 -7.48
CAK KN3 E . -15.78 -12.09 -11.29
CAL KN3 E . -16.84 -11.96 -12.19
CAM KN3 E . -17.02 -12.19 -13.55
CAN KN3 E . -18.32 -11.94 -14.23
CAO KN3 E . -15.81 -12.68 -14.43
CAP KN3 E . -19.23 -10.21 -6.86
CAQ KN3 E . -20.11 -10.57 -5.82
CAR KN3 E . -20.22 -11.91 -5.45
CAS KN3 E . -19.48 -12.87 -6.09
CAT KN3 E . -18.63 -12.51 -7.12
OAU KN3 E . -17.90 -13.51 -7.70
OAV KN3 E . -21.05 -12.34 -4.46
CAW KN3 E . -14.47 -9.20 -11.64
FAX KN3 E . -15.01 -9.91 -12.63
FAY KN3 E . -13.51 -9.88 -11.06
FAZ KN3 E . -13.93 -8.08 -12.08
CAA KN3 F . 18.07 9.57 0.77
CAB KN3 F . 18.37 8.98 2.01
CAC KN3 F . 18.71 9.78 3.09
CAD KN3 F . 18.74 11.15 2.91
CAE KN3 F . 18.46 11.74 1.69
CAF KN3 F . 18.10 10.96 0.59
CAG KN3 F . 19.07 12.20 3.72
NAH KN3 F . 18.89 13.33 3.07
NAI KN3 F . 18.55 13.06 1.93
CAJ KN3 F . 19.36 12.08 5.06
CAK KN3 F . 18.41 14.13 0.96
CAL KN3 F . 19.78 14.29 0.72
CAM KN3 F . 20.48 14.79 -0.37
CAN KN3 F . 22.03 14.78 -0.23
CAO KN3 F . 19.83 15.36 -1.62
CAP KN3 F . 19.88 10.89 5.58
CAQ KN3 F . 20.22 10.84 6.93
CAR KN3 F . 20.06 11.98 7.72
CAS KN3 F . 19.57 13.17 7.18
CAT KN3 F . 19.25 13.21 5.83
OAU KN3 F . 18.74 14.34 5.28
OAV KN3 F . 20.37 11.95 9.04
CAW KN3 F . 17.75 11.63 -0.76
FAX KN3 F . 17.31 10.72 -1.63
FAY KN3 F . 18.79 12.26 -1.27
FAZ KN3 F . 16.77 12.50 -0.57
CAA KN3 G . 10.25 -14.97 -9.80
CAB KN3 G . 10.92 -15.98 -9.10
CAC KN3 G . 11.36 -17.15 -9.69
CAD KN3 G . 11.13 -17.32 -11.05
CAE KN3 G . 10.43 -16.32 -11.79
CAF KN3 G . 10.01 -15.11 -11.16
CAG KN3 G . 11.34 -18.32 -12.01
NAH KN3 G . 10.94 -17.84 -13.17
NAI KN3 G . 10.40 -16.73 -13.07
CAJ KN3 G . 12.04 -19.54 -11.91
CAK KN3 G . 9.75 -15.99 -14.14
CAL KN3 G . 9.81 -16.82 -15.14
CAM KN3 G . 10.65 -16.66 -16.21
CAN KN3 G . 10.82 -17.38 -17.29
CAO KN3 G . 11.68 -15.43 -15.84
CAP KN3 G . 12.69 -19.99 -13.06
CAQ KN3 G . 13.44 -21.16 -13.07
CAR KN3 G . 13.59 -21.88 -11.90
CAS KN3 G . 12.99 -21.44 -10.75
CAT KN3 G . 12.26 -20.26 -10.73
OAU KN3 G . 11.67 -19.91 -9.54
OAV KN3 G . 14.31 -23.01 -11.81
CAW KN3 G . 9.25 -13.97 -11.96
FAX KN3 G . 9.05 -12.92 -11.16
FAY KN3 G . 8.09 -14.43 -12.40
FAZ KN3 G . 9.93 -13.49 -13.02
CAA KN3 H . -5.42 18.05 -8.71
CAB KN3 H . -6.38 18.85 -8.09
CAC KN3 H . -6.55 20.18 -8.49
CAD KN3 H . -5.77 20.69 -9.53
CAE KN3 H . -4.82 19.88 -10.17
CAF KN3 H . -4.63 18.54 -9.76
CAG KN3 H . -5.60 21.94 -10.13
NAH KN3 H . -4.74 21.79 -11.11
NAI KN3 H . -4.22 20.69 -11.08
CAJ KN3 H . -6.37 23.07 -9.97
CAK KN3 H . -3.16 20.39 -12.03
CAL KN3 H . -3.17 21.32 -13.03
CAM KN3 H . -3.63 21.19 -14.32
CAN KN3 H . -3.60 22.25 -15.34
CAO KN3 H . -4.29 19.83 -14.64
CAP KN3 H . -6.57 23.86 -11.11
CAQ KN3 H . -7.36 25.00 -11.07
CAR KN3 H . -7.99 25.34 -9.88
CAS KN3 H . -7.82 24.54 -8.76
CAT KN3 H . -7.06 23.40 -8.81
OAU KN3 H . -6.91 22.69 -7.66
OAV KN3 H . -8.80 26.44 -9.77
CAW KN3 H . -3.57 17.60 -10.41
FAX KN3 H . -3.35 16.59 -9.57
FAY KN3 H . -2.45 18.27 -10.57
FAZ KN3 H . -3.94 17.10 -11.59
#